data_7DFC
#
_entry.id   7DFC
#
_cell.length_a   116.137
_cell.length_b   122.653
_cell.length_c   144.064
_cell.angle_alpha   90.000
_cell.angle_beta   90.000
_cell.angle_gamma   90.000
#
_symmetry.space_group_name_H-M   'I 21 21 21'
#
loop_
_entity.id
_entity.type
_entity.pdbx_description
1 polymer Beta-arrestin-1
2 polymer V2Rpp-3
3 polymer 'FAB30 LIGHT CHAIN'
4 polymer 'FAB30 HEAVY CHAIN'
5 non-polymer GLYCEROL
6 water water
#
loop_
_entity_poly.entity_id
_entity_poly.type
_entity_poly.pdbx_seq_one_letter_code
_entity_poly.pdbx_strand_id
1 'polypeptide(L)'
;MGDKGTRVFKKASPNGKLTVYLGKRDFVDHIDLVEPVDGVVLVDPEYLKERRVYVTLTCAFRYGREDLDVLGLTFRKDLF
VANVQSFPPAPEDKKPLTRLQERLIKKLGEHAYPFTFEIPPNLPCSVTLQPGPEDTGKACGVDYEVKAFCAENLEEKIHK
RNSVRLVIRKVQYAPERPGPQPTAETTRQFLMSDKPLHLEASLDKEIYYHGEPISVNVHVTNNTNKTVKKIKISVRQYAD
ICLFNTAQYKCPVAMEEADDTVAPSSTFCKVYTLTPFLANNREKRGLALDGKLKHEDTNLASSTLLREGANREILGIIVS
YKVKVKLVVSRGGLLGDLASSDVAVELPFTLMHPKPKEEPPHREVPEHETPVDTNLIELDTNDDDIVFEDFARQRLKGMK
DDKEEEEDGTGSPRLNDRLEHHHHHH
;
A
2 'polypeptide(L)' R(TPO)PP(SEP)LGPQDESC(TPO)(TPO)A(SEP)(SEP)(SEP)LRK V
3 'polypeptide(L)'
;MFVFSIATNAYASDIQMTQSPSSLSASVGDRVTITCRASQSVSSAVAWYQQKPGKAPKLLIYSASSLYSGVPSRFSGSRS
GTDFTLTISSLQPEDFATYYCQQYKYVPVTFGQGTKVEIKRTVAAPSVFIFPPSDSQLKSGTASVVCLLNNFYPREAKVQ
WKVDNALQSGNSQESVTEQDSKDSTYSLSSTLTLSKADYEKHKVYACEVTHQGLSSPVTKSFNRGEC
;
L
4 'polypeptide(L)'
;MFVFSIATNAYAEISEVQLVESGGGLVQPGGSLRLSCAASGFNVYSSSIHWVRQAPGKGLEWVASISSYYGYTYYADSVK
GRFTISADTSKNTAYLQMNSLRAEDTAVYYCARSRQFWYSGLDYWGQGTLVTVSSASTKGPSVFPLAPSSKSTSGGTAAL
GCLVKDYFPEPVTVSWNSGALTSGVHTFPAVLQSSGLYSLSSVVTVPSSSLGTQTYICNVNHKPSNTKVDKKVEPKSCDK
THHHHHHHH
;
H
#
# COMPACT_ATOMS: atom_id res chain seq x y z
N GLY A 5 -6.58 -6.94 20.39
CA GLY A 5 -6.90 -5.57 20.78
C GLY A 5 -6.16 -5.11 22.03
N THR A 6 -4.85 -4.91 21.90
CA THR A 6 -3.97 -4.81 23.06
C THR A 6 -3.38 -3.43 23.28
N ARG A 7 -3.75 -2.43 22.47
CA ARG A 7 -3.27 -1.09 22.67
C ARG A 7 -4.43 -0.17 23.03
N VAL A 8 -4.16 0.84 23.85
CA VAL A 8 -5.16 1.82 24.26
C VAL A 8 -4.54 3.20 24.19
N PHE A 9 -5.38 4.20 23.86
CA PHE A 9 -4.94 5.59 23.80
C PHE A 9 -4.71 6.14 25.21
N LYS A 10 -3.71 7.01 25.34
CA LYS A 10 -3.53 7.72 26.59
C LYS A 10 -3.09 9.15 26.31
N LYS A 11 -3.46 10.04 27.22
CA LYS A 11 -3.00 11.42 27.20
C LYS A 11 -2.95 11.94 28.63
N ALA A 12 -1.90 12.68 28.95
CA ALA A 12 -1.76 13.23 30.28
C ALA A 12 -1.91 14.74 30.22
N SER A 13 -2.52 15.29 31.25
CA SER A 13 -2.44 16.71 31.62
C SER A 13 -1.00 17.19 31.54
N PRO A 14 -0.77 18.45 31.15
CA PRO A 14 0.62 18.93 31.02
C PRO A 14 1.45 18.76 32.27
N ASN A 15 0.85 18.80 33.45
CA ASN A 15 1.61 18.66 34.69
C ASN A 15 1.60 17.22 35.22
N GLY A 16 1.22 16.25 34.37
CA GLY A 16 1.30 14.84 34.71
C GLY A 16 0.22 14.32 35.65
N LYS A 17 -0.39 15.23 36.43
CA LYS A 17 -1.25 14.83 37.55
C LYS A 17 -2.41 13.94 37.13
N LEU A 18 -2.89 14.09 35.89
CA LEU A 18 -4.09 13.43 35.42
C LEU A 18 -3.81 12.76 34.08
N THR A 19 -4.32 11.54 33.89
CA THR A 19 -4.11 10.79 32.65
C THR A 19 -5.41 10.11 32.24
N VAL A 20 -5.69 10.09 30.95
CA VAL A 20 -6.93 9.59 30.41
C VAL A 20 -6.59 8.44 29.48
N TYR A 21 -7.32 7.34 29.64
CA TYR A 21 -7.12 6.15 28.83
C TYR A 21 -8.41 5.86 28.08
N LEU A 22 -8.28 5.48 26.81
CA LEU A 22 -9.44 5.15 26.00
C LEU A 22 -9.09 4.01 25.05
N GLY A 23 -10.06 3.14 24.80
CA GLY A 23 -9.88 2.10 23.83
C GLY A 23 -9.98 2.52 22.38
N LYS A 24 -10.46 3.72 22.08
CA LYS A 24 -10.52 4.18 20.70
C LYS A 24 -10.92 5.64 20.71
N ARG A 25 -10.84 6.26 19.53
CA ARG A 25 -11.28 7.63 19.33
C ARG A 25 -12.56 7.73 18.52
N ASP A 26 -12.93 6.69 17.77
CA ASP A 26 -14.11 6.72 16.90
C ASP A 26 -15.18 5.81 17.46
N PHE A 27 -16.36 6.36 17.67
CA PHE A 27 -17.49 5.65 18.23
C PHE A 27 -18.61 5.67 17.20
N VAL A 28 -19.01 4.49 16.76
CA VAL A 28 -19.86 4.33 15.59
C VAL A 28 -21.31 4.61 15.94
N ASP A 29 -21.95 5.37 15.09
CA ASP A 29 -23.40 5.54 15.27
C ASP A 29 -24.06 4.55 14.33
N HIS A 30 -24.82 3.62 14.87
CA HIS A 30 -25.52 2.62 14.03
C HIS A 30 -26.99 3.01 13.95
N ILE A 31 -27.31 4.30 13.99
CA ILE A 31 -28.67 4.91 13.92
C ILE A 31 -29.47 4.72 15.20
N ASP A 32 -29.72 3.49 15.60
CA ASP A 32 -30.50 3.31 16.83
C ASP A 32 -29.54 3.17 18.02
N LEU A 33 -28.28 2.82 17.79
CA LEU A 33 -27.38 2.65 18.92
C LEU A 33 -26.01 3.26 18.60
N VAL A 34 -25.44 3.95 19.60
CA VAL A 34 -24.10 4.53 19.51
C VAL A 34 -23.20 3.79 20.49
N GLU A 35 -21.98 3.49 20.04
CA GLU A 35 -21.01 2.90 20.95
C GLU A 35 -20.81 3.83 22.16
N PRO A 36 -20.92 3.32 23.38
CA PRO A 36 -20.66 4.16 24.55
C PRO A 36 -19.19 4.58 24.63
N VAL A 37 -18.95 5.66 25.35
CA VAL A 37 -17.62 6.20 25.50
C VAL A 37 -17.13 5.79 26.89
N ASP A 38 -16.24 4.79 26.94
CA ASP A 38 -15.76 4.27 28.22
C ASP A 38 -14.24 4.30 28.27
N GLY A 39 -13.72 4.82 29.39
CA GLY A 39 -12.32 4.74 29.71
C GLY A 39 -12.13 4.88 31.20
N VAL A 40 -10.88 5.04 31.62
CA VAL A 40 -10.58 5.35 33.01
C VAL A 40 -9.75 6.62 33.05
N VAL A 41 -9.79 7.28 34.20
CA VAL A 41 -8.93 8.43 34.46
C VAL A 41 -8.05 8.11 35.67
N LEU A 42 -6.75 8.31 35.51
CA LEU A 42 -5.77 7.98 36.53
C LEU A 42 -5.33 9.24 37.26
N VAL A 43 -5.54 9.27 38.58
CA VAL A 43 -5.01 10.32 39.45
C VAL A 43 -3.67 9.90 40.03
N ASP A 44 -2.70 10.82 39.99
CA ASP A 44 -1.26 10.59 40.16
C ASP A 44 -0.80 10.49 41.63
N PRO A 45 0.51 10.16 41.88
CA PRO A 45 1.02 10.09 43.26
C PRO A 45 1.09 11.43 43.96
N GLU A 46 -0.06 11.83 44.48
CA GLU A 46 -0.24 13.12 45.18
C GLU A 46 0.40 14.27 44.41
N TYR A 47 0.37 14.14 43.08
CA TYR A 47 0.67 15.29 42.20
C TYR A 47 -0.65 16.05 42.33
N LEU A 48 -1.74 15.29 42.42
CA LEU A 48 -3.07 15.82 42.71
C LEU A 48 -3.02 16.83 43.85
N LYS A 49 -3.54 18.03 43.59
CA LYS A 49 -3.77 19.00 44.65
C LYS A 49 -5.23 19.34 44.85
N GLU A 50 -6.10 19.04 43.88
CA GLU A 50 -7.51 19.41 43.91
C GLU A 50 -8.35 18.34 44.60
N ARG A 51 -9.59 18.70 44.91
CA ARG A 51 -10.45 17.91 45.79
C ARG A 51 -11.53 17.13 45.06
N ARG A 52 -11.48 17.07 43.73
CA ARG A 52 -12.45 16.30 42.96
C ARG A 52 -12.03 16.30 41.51
N VAL A 53 -12.21 15.16 40.85
CA VAL A 53 -11.89 15.01 39.43
C VAL A 53 -13.15 14.56 38.70
N TYR A 54 -13.58 15.37 37.74
CA TYR A 54 -14.72 15.09 36.89
C TYR A 54 -14.23 14.77 35.50
N VAL A 55 -15.11 14.16 34.71
CA VAL A 55 -14.89 13.97 33.28
C VAL A 55 -16.17 14.37 32.55
N THR A 56 -16.01 15.07 31.43
CA THR A 56 -17.13 15.62 30.69
C THR A 56 -16.93 15.32 29.22
N LEU A 57 -18.02 14.93 28.56
CA LEU A 57 -18.04 14.74 27.13
C LEU A 57 -18.90 15.84 26.53
N THR A 58 -18.33 16.63 25.63
CA THR A 58 -19.07 17.72 25.02
C THR A 58 -19.13 17.55 23.52
N CYS A 59 -20.34 17.69 22.97
CA CYS A 59 -20.56 17.93 21.54
C CYS A 59 -20.72 19.43 21.34
N ALA A 60 -19.94 20.00 20.45
CA ALA A 60 -19.84 21.45 20.35
C ALA A 60 -19.73 21.86 18.89
N PHE A 61 -20.19 23.07 18.62
CA PHE A 61 -20.06 23.67 17.30
C PHE A 61 -18.93 24.68 17.37
N ARG A 62 -17.93 24.52 16.53
CA ARG A 62 -16.74 25.36 16.58
C ARG A 62 -16.72 26.23 15.35
N TYR A 63 -16.50 27.52 15.55
CA TYR A 63 -16.61 28.49 14.49
C TYR A 63 -15.70 29.67 14.82
N GLY A 64 -15.27 30.37 13.77
CA GLY A 64 -14.61 31.65 13.92
C GLY A 64 -15.61 32.76 13.66
N ARG A 65 -15.20 33.98 13.94
CA ARG A 65 -16.09 35.14 13.75
C ARG A 65 -15.64 35.96 12.55
N GLU A 66 -16.55 36.13 11.60
CA GLU A 66 -16.28 36.90 10.39
C GLU A 66 -16.01 38.37 10.70
N ASP A 67 -16.74 38.94 11.64
CA ASP A 67 -16.64 40.37 11.93
C ASP A 67 -15.28 40.78 12.46
N LEU A 68 -14.51 39.85 13.04
CA LEU A 68 -13.21 40.14 13.63
C LEU A 68 -12.11 39.78 12.64
N ASP A 69 -10.86 40.03 13.03
CA ASP A 69 -9.69 39.71 12.22
C ASP A 69 -8.57 39.11 13.08
N VAL A 70 -8.90 38.11 13.89
CA VAL A 70 -7.93 37.51 14.79
C VAL A 70 -7.64 36.11 14.25
N LEU A 71 -6.57 35.97 13.49
CA LEU A 71 -6.23 34.69 12.89
C LEU A 71 -5.96 33.65 13.97
N GLY A 72 -6.62 32.51 13.84
CA GLY A 72 -6.50 31.46 14.83
C GLY A 72 -7.56 31.48 15.91
N LEU A 73 -8.42 32.50 15.94
CA LEU A 73 -9.41 32.60 17.00
C LEU A 73 -10.67 31.84 16.58
N THR A 74 -11.19 31.01 17.50
CA THR A 74 -12.38 30.23 17.27
C THR A 74 -13.19 30.23 18.56
N PHE A 75 -14.46 29.87 18.45
CA PHE A 75 -15.36 29.79 19.59
C PHE A 75 -16.11 28.47 19.52
N ARG A 76 -16.24 27.79 20.66
CA ARG A 76 -16.90 26.50 20.75
C ARG A 76 -18.19 26.68 21.53
N LYS A 77 -19.31 26.37 20.89
CA LYS A 77 -20.63 26.48 21.47
C LYS A 77 -21.14 25.06 21.74
N ASP A 78 -21.55 24.79 22.98
CA ASP A 78 -21.90 23.44 23.39
C ASP A 78 -23.28 23.06 22.87
N LEU A 79 -23.38 21.85 22.30
CA LEU A 79 -24.67 21.31 21.89
C LEU A 79 -25.15 20.18 22.80
N PHE A 80 -24.24 19.49 23.48
CA PHE A 80 -24.59 18.42 24.42
C PHE A 80 -23.44 18.28 25.41
N VAL A 81 -23.73 18.35 26.70
CA VAL A 81 -22.70 18.19 27.72
C VAL A 81 -23.16 17.16 28.74
N ALA A 82 -22.27 16.23 29.06
CA ALA A 82 -22.49 15.25 30.12
C ALA A 82 -21.27 15.27 31.03
N ASN A 83 -21.49 14.95 32.31
CA ASN A 83 -20.43 14.90 33.29
C ASN A 83 -20.46 13.58 34.06
N VAL A 84 -19.31 13.21 34.59
CA VAL A 84 -19.22 12.20 35.62
C VAL A 84 -18.28 12.73 36.70
N GLN A 85 -18.68 12.61 37.96
CA GLN A 85 -17.76 12.82 39.08
C GLN A 85 -17.14 11.47 39.38
N SER A 86 -16.02 11.18 38.72
CA SER A 86 -15.41 9.87 38.90
C SER A 86 -14.32 9.86 39.97
N PHE A 87 -13.77 11.01 40.35
CA PHE A 87 -12.94 11.10 41.54
C PHE A 87 -13.37 12.29 42.39
N PRO A 88 -13.66 12.09 43.68
CA PRO A 88 -13.80 10.72 44.20
C PRO A 88 -15.11 10.10 43.72
N PRO A 89 -15.21 8.78 43.76
CA PRO A 89 -16.46 8.13 43.38
C PRO A 89 -17.61 8.65 44.24
N ALA A 90 -18.75 8.86 43.58
CA ALA A 90 -19.96 9.31 44.27
C ALA A 90 -20.87 8.13 44.54
N PRO A 91 -21.23 7.86 45.82
CA PRO A 91 -22.24 6.82 46.09
C PRO A 91 -23.60 7.15 45.48
N GLU A 92 -24.56 6.24 45.65
CA GLU A 92 -25.84 6.33 44.94
C GLU A 92 -25.61 6.46 43.44
N ASP A 93 -24.47 5.94 42.96
CA ASP A 93 -24.14 6.01 41.55
C ASP A 93 -23.45 4.74 41.05
N LYS A 94 -23.76 3.59 41.65
CA LYS A 94 -23.10 2.35 41.30
C LYS A 94 -23.29 1.97 39.83
N LYS A 95 -22.21 1.62 39.16
CA LYS A 95 -22.23 1.26 37.76
C LYS A 95 -21.31 0.08 37.52
N PRO A 96 -21.64 -0.78 36.56
CA PRO A 96 -20.78 -1.93 36.24
C PRO A 96 -19.78 -1.62 35.13
N LEU A 97 -18.53 -2.01 35.35
CA LEU A 97 -17.48 -1.70 34.39
C LEU A 97 -17.66 -2.45 33.08
N THR A 98 -17.19 -1.84 32.00
CA THR A 98 -16.98 -2.58 30.77
C THR A 98 -15.79 -3.50 30.95
N ARG A 99 -15.64 -4.44 30.00
CA ARG A 99 -14.46 -5.28 30.00
C ARG A 99 -13.20 -4.44 29.83
N LEU A 100 -13.27 -3.37 29.02
CA LEU A 100 -12.13 -2.48 28.88
C LEU A 100 -11.75 -1.84 30.19
N GLN A 101 -12.73 -1.37 30.95
CA GLN A 101 -12.43 -0.74 32.23
C GLN A 101 -11.90 -1.75 33.23
N GLU A 102 -12.44 -2.97 33.21
CA GLU A 102 -11.94 -4.00 34.11
C GLU A 102 -10.47 -4.29 33.82
N ARG A 103 -10.09 -4.46 32.55
CA ARG A 103 -8.68 -4.66 32.25
C ARG A 103 -7.85 -3.47 32.70
N LEU A 104 -8.32 -2.25 32.42
CA LEU A 104 -7.52 -1.06 32.74
C LEU A 104 -7.27 -0.94 34.24
N ILE A 105 -8.25 -1.33 35.05
CA ILE A 105 -8.09 -1.25 36.50
C ILE A 105 -7.06 -2.27 36.98
N LYS A 106 -7.13 -3.50 36.45
CA LYS A 106 -6.10 -4.49 36.78
C LYS A 106 -4.72 -3.96 36.42
N LYS A 107 -4.61 -3.32 35.26
CA LYS A 107 -3.33 -2.76 34.82
C LYS A 107 -2.86 -1.63 35.72
N LEU A 108 -3.78 -0.93 36.38
CA LEU A 108 -3.39 0.36 36.95
C LEU A 108 -3.71 0.50 38.43
N GLY A 109 -4.78 -0.13 38.88
CA GLY A 109 -5.13 -0.10 40.29
C GLY A 109 -6.33 0.78 40.58
N GLU A 110 -6.67 0.84 41.88
CA GLU A 110 -7.87 1.50 42.36
C GLU A 110 -7.87 3.00 42.11
N HIS A 111 -6.73 3.60 41.77
CA HIS A 111 -6.69 5.03 41.45
C HIS A 111 -7.00 5.32 39.98
N ALA A 112 -7.41 4.31 39.21
CA ALA A 112 -7.88 4.47 37.84
C ALA A 112 -9.40 4.56 37.92
N TYR A 113 -9.93 5.76 37.85
CA TYR A 113 -11.37 5.80 38.04
C TYR A 113 -12.08 5.72 36.69
N PRO A 114 -13.10 4.88 36.58
CA PRO A 114 -13.78 4.72 35.30
C PRO A 114 -14.75 5.86 35.02
N PHE A 115 -15.16 5.92 33.76
CA PHE A 115 -16.28 6.77 33.33
C PHE A 115 -16.88 6.14 32.09
N THR A 116 -18.20 6.22 32.00
CA THR A 116 -18.90 5.76 30.82
C THR A 116 -19.89 6.84 30.40
N PHE A 117 -19.86 7.17 29.12
CA PHE A 117 -20.83 8.06 28.47
C PHE A 117 -21.57 7.26 27.42
N GLU A 118 -22.89 7.14 27.58
CA GLU A 118 -23.74 6.75 26.48
C GLU A 118 -24.09 8.02 25.71
N ILE A 119 -23.95 7.99 24.38
CA ILE A 119 -24.24 9.19 23.58
C ILE A 119 -25.69 9.21 23.11
N PRO A 120 -26.42 10.31 23.30
CA PRO A 120 -27.76 10.42 22.68
C PRO A 120 -27.70 10.22 21.17
N PRO A 121 -28.52 9.32 20.62
CA PRO A 121 -28.37 8.95 19.21
C PRO A 121 -28.85 10.01 18.22
N ASN A 122 -29.54 11.07 18.65
CA ASN A 122 -30.02 12.09 17.73
C ASN A 122 -29.05 13.27 17.58
N LEU A 123 -27.76 13.05 17.73
CA LEU A 123 -26.75 14.10 17.67
C LEU A 123 -25.95 14.03 16.38
N PRO A 124 -25.33 15.12 15.96
CA PRO A 124 -24.63 15.11 14.68
C PRO A 124 -23.32 14.34 14.76
N CYS A 125 -22.95 13.73 13.64
CA CYS A 125 -21.66 13.11 13.51
C CYS A 125 -20.58 14.17 13.45
N SER A 126 -19.33 13.74 13.64
CA SER A 126 -18.24 14.69 13.57
C SER A 126 -18.08 15.16 12.14
N VAL A 127 -18.20 16.47 11.94
CA VAL A 127 -18.01 17.07 10.64
C VAL A 127 -17.08 18.24 10.81
N THR A 128 -16.17 18.40 9.85
CA THR A 128 -15.30 19.56 9.75
C THR A 128 -15.57 20.31 8.44
N LEU A 129 -15.50 21.63 8.49
CA LEU A 129 -15.77 22.50 7.34
C LEU A 129 -14.46 22.98 6.74
N GLN A 130 -14.33 22.89 5.43
CA GLN A 130 -13.03 23.03 4.82
C GLN A 130 -12.40 24.39 5.10
N PRO A 131 -11.24 24.44 5.75
CA PRO A 131 -10.60 25.73 6.03
C PRO A 131 -10.00 26.32 4.77
N GLY A 132 -9.67 27.59 4.86
CA GLY A 132 -8.87 28.22 3.83
C GLY A 132 -7.61 28.75 4.45
N PRO A 133 -6.61 29.10 3.62
CA PRO A 133 -5.34 29.62 4.15
C PRO A 133 -5.47 30.54 5.37
N GLU A 134 -6.47 31.41 5.34
CA GLU A 134 -6.70 32.37 6.43
C GLU A 134 -6.99 31.64 7.73
N ASP A 135 -7.83 30.61 7.69
CA ASP A 135 -8.17 29.86 8.90
C ASP A 135 -6.95 29.09 9.37
N THR A 136 -6.32 29.57 10.45
CA THR A 136 -5.10 28.99 10.97
C THR A 136 -5.28 28.21 12.25
N GLY A 137 -6.29 28.54 13.05
CA GLY A 137 -6.55 27.83 14.29
C GLY A 137 -7.20 26.48 14.09
N LYS A 138 -8.05 26.10 15.03
CA LYS A 138 -8.61 24.76 15.06
C LYS A 138 -9.72 24.60 14.03
N ALA A 139 -10.03 23.32 13.75
CA ALA A 139 -10.95 22.94 12.68
C ALA A 139 -12.38 23.31 13.04
N CYS A 140 -13.05 24.08 12.18
CA CYS A 140 -14.44 24.44 12.43
C CYS A 140 -15.40 23.34 11.99
N GLY A 141 -16.52 23.27 12.69
CA GLY A 141 -17.52 22.27 12.40
C GLY A 141 -18.13 21.70 13.65
N VAL A 142 -18.26 20.37 13.71
CA VAL A 142 -18.84 19.69 14.87
C VAL A 142 -17.86 18.63 15.35
N ASP A 143 -17.51 18.68 16.63
CA ASP A 143 -16.54 17.76 17.19
C ASP A 143 -17.00 17.32 18.56
N TYR A 144 -16.58 16.12 18.93
CA TYR A 144 -16.72 15.65 20.30
C TYR A 144 -15.39 15.82 21.01
N GLU A 145 -15.47 15.93 22.32
CA GLU A 145 -14.27 16.06 23.15
C GLU A 145 -14.56 15.52 24.54
N VAL A 146 -13.70 14.64 25.00
CA VAL A 146 -13.72 14.19 26.39
C VAL A 146 -12.70 15.02 27.15
N LYS A 147 -13.13 15.57 28.29
CA LYS A 147 -12.34 16.49 29.08
C LYS A 147 -12.23 15.94 30.50
N ALA A 148 -11.02 15.91 31.04
CA ALA A 148 -10.82 15.49 32.42
C ALA A 148 -10.04 16.56 33.15
N PHE A 149 -10.54 16.94 34.32
CA PHE A 149 -9.94 18.02 35.09
C PHE A 149 -10.17 17.76 36.56
N CYS A 150 -9.38 18.41 37.40
CA CYS A 150 -9.46 18.25 38.83
C CYS A 150 -9.72 19.61 39.46
N ALA A 151 -10.83 19.71 40.19
CA ALA A 151 -11.27 20.99 40.73
C ALA A 151 -12.06 20.75 42.00
N GLU A 152 -12.22 21.82 42.79
CA GLU A 152 -13.02 21.74 44.01
C GLU A 152 -14.45 21.35 43.69
N ASN A 153 -15.14 22.17 42.90
CA ASN A 153 -16.52 21.93 42.50
C ASN A 153 -16.65 22.17 41.01
N LEU A 154 -17.85 21.97 40.48
CA LEU A 154 -18.09 22.25 39.07
C LEU A 154 -18.17 23.75 38.76
N GLU A 155 -18.07 24.62 39.76
CA GLU A 155 -17.99 26.06 39.53
C GLU A 155 -16.56 26.57 39.41
N GLU A 156 -15.57 25.74 39.72
CA GLU A 156 -14.20 26.23 39.83
C GLU A 156 -13.60 26.58 38.48
N LYS A 157 -12.82 27.65 38.45
CA LYS A 157 -12.04 28.01 37.27
C LYS A 157 -10.95 26.98 37.04
N ILE A 158 -11.05 26.25 35.93
CA ILE A 158 -10.22 25.09 35.67
C ILE A 158 -8.89 25.53 35.06
N HIS A 159 -7.79 25.31 35.79
CA HIS A 159 -6.48 25.54 35.20
C HIS A 159 -6.26 24.60 34.02
N LYS A 160 -5.59 25.10 32.98
CA LYS A 160 -5.43 24.28 31.77
C LYS A 160 -4.46 23.13 32.02
N ARG A 161 -3.42 23.34 32.84
CA ARG A 161 -2.46 22.29 33.11
C ARG A 161 -2.95 21.27 34.14
N ASN A 162 -4.06 21.55 34.83
CA ASN A 162 -4.79 20.58 35.65
C ASN A 162 -5.79 19.76 34.85
N SER A 163 -5.64 19.67 33.53
CA SER A 163 -6.69 19.03 32.76
C SER A 163 -6.09 18.39 31.51
N VAL A 164 -6.89 17.51 30.91
CA VAL A 164 -6.52 16.87 29.66
C VAL A 164 -7.76 16.87 28.75
N ARG A 165 -7.53 17.04 27.45
CA ARG A 165 -8.61 17.17 26.49
C ARG A 165 -8.29 16.32 25.28
N LEU A 166 -9.23 15.48 24.87
CA LEU A 166 -9.03 14.56 23.77
C LEU A 166 -10.20 14.69 22.79
N VAL A 167 -9.87 14.82 21.51
CA VAL A 167 -10.91 14.85 20.49
C VAL A 167 -11.36 13.43 20.22
N ILE A 168 -12.67 13.23 20.18
CA ILE A 168 -13.22 11.97 19.71
C ILE A 168 -14.22 12.27 18.61
N ARG A 169 -14.36 11.33 17.68
CA ARG A 169 -15.21 11.44 16.51
C ARG A 169 -16.42 10.53 16.66
N LYS A 170 -17.59 11.00 16.22
CA LYS A 170 -18.77 10.16 16.09
C LYS A 170 -19.02 9.96 14.61
N VAL A 171 -18.99 8.71 14.15
CA VAL A 171 -18.90 8.38 12.74
C VAL A 171 -19.96 7.33 12.42
N GLN A 172 -20.44 7.35 11.18
CA GLN A 172 -21.32 6.32 10.67
C GLN A 172 -20.62 5.64 9.52
N TYR A 173 -21.07 4.44 9.17
CA TYR A 173 -20.56 3.80 7.95
C TYR A 173 -21.69 3.33 7.05
N ALA A 174 -21.32 2.92 5.84
CA ALA A 174 -22.30 2.50 4.83
C ALA A 174 -23.19 1.38 5.33
N PRO A 175 -24.47 1.39 4.95
CA PRO A 175 -25.36 0.29 5.30
C PRO A 175 -25.01 -0.96 4.52
N GLU A 176 -25.38 -2.10 5.10
CA GLU A 176 -25.15 -3.39 4.45
C GLU A 176 -25.90 -3.47 3.12
N ARG A 177 -27.20 -3.30 3.16
CA ARG A 177 -28.05 -3.40 1.97
C ARG A 177 -28.11 -2.06 1.25
N PRO A 178 -27.85 -2.01 -0.06
CA PRO A 178 -28.07 -0.76 -0.80
C PRO A 178 -29.55 -0.49 -0.99
N GLY A 179 -29.89 0.80 -1.08
CA GLY A 179 -31.23 1.21 -1.35
C GLY A 179 -31.63 0.89 -2.78
N PRO A 180 -32.85 1.24 -3.15
CA PRO A 180 -33.28 1.04 -4.54
C PRO A 180 -32.41 1.87 -5.47
N GLN A 181 -32.22 1.37 -6.67
CA GLN A 181 -31.47 2.11 -7.68
C GLN A 181 -32.04 3.52 -7.82
N PRO A 182 -31.19 4.54 -7.88
CA PRO A 182 -31.68 5.91 -8.08
C PRO A 182 -32.05 6.17 -9.54
N THR A 183 -33.34 6.34 -9.80
CA THR A 183 -33.89 6.73 -11.10
C THR A 183 -34.67 8.03 -10.95
N ALA A 184 -34.67 8.86 -12.01
CA ALA A 184 -35.53 10.05 -12.05
C ALA A 184 -35.93 10.39 -13.47
N GLU A 185 -37.01 11.17 -13.60
CA GLU A 185 -37.51 11.56 -14.91
C GLU A 185 -38.38 12.80 -14.79
N THR A 186 -38.27 13.67 -15.79
CA THR A 186 -39.13 14.83 -15.84
C THR A 186 -39.50 15.10 -17.29
N THR A 187 -40.70 15.64 -17.46
CA THR A 187 -41.25 15.99 -18.77
C THR A 187 -41.52 17.48 -18.78
N ARG A 188 -40.98 18.18 -19.78
CA ARG A 188 -41.36 19.57 -20.03
C ARG A 188 -42.26 19.64 -21.26
N GLN A 189 -43.44 20.20 -21.10
CA GLN A 189 -44.32 20.50 -22.22
C GLN A 189 -44.22 21.98 -22.56
N PHE A 190 -44.16 22.31 -23.83
CA PHE A 190 -43.99 23.69 -24.21
C PHE A 190 -45.28 24.28 -24.75
N LEU A 191 -45.20 25.57 -25.04
CA LEU A 191 -46.38 26.40 -25.06
C LEU A 191 -47.34 26.00 -26.16
N MET A 192 -46.88 25.93 -27.41
CA MET A 192 -47.91 25.74 -28.47
C MET A 192 -48.11 24.30 -28.94
N SER A 193 -47.39 23.34 -28.38
CA SER A 193 -47.54 21.93 -28.75
C SER A 193 -47.71 21.08 -27.51
N ASP A 194 -47.87 19.78 -27.73
CA ASP A 194 -47.93 18.81 -26.64
C ASP A 194 -46.88 17.72 -26.79
N LYS A 195 -46.07 17.74 -27.84
CA LYS A 195 -44.93 16.80 -27.91
C LYS A 195 -43.86 17.25 -26.92
N PRO A 196 -43.55 16.44 -25.92
CA PRO A 196 -42.69 16.90 -24.83
C PRO A 196 -41.20 16.65 -25.06
N LEU A 197 -40.41 17.31 -24.23
CA LEU A 197 -38.99 17.01 -24.05
C LEU A 197 -38.88 16.21 -22.76
N HIS A 198 -38.34 14.99 -22.86
CA HIS A 198 -38.34 14.04 -21.77
C HIS A 198 -36.90 13.71 -21.36
N LEU A 199 -36.63 13.85 -20.07
CA LEU A 199 -35.33 13.59 -19.48
C LEU A 199 -35.48 12.44 -18.49
N GLU A 200 -34.84 11.31 -18.77
CA GLU A 200 -34.73 10.19 -17.84
C GLU A 200 -33.26 9.98 -17.50
N ALA A 201 -32.95 9.89 -16.22
CA ALA A 201 -31.59 9.61 -15.75
C ALA A 201 -31.61 8.54 -14.65
N SER A 202 -30.46 7.88 -14.44
CA SER A 202 -30.33 6.89 -13.36
C SER A 202 -28.87 6.68 -12.96
N LEU A 203 -28.67 6.35 -11.68
CA LEU A 203 -27.34 5.98 -11.27
C LEU A 203 -27.21 4.46 -11.27
N ASP A 204 -25.97 3.97 -11.41
CA ASP A 204 -25.82 2.51 -11.43
C ASP A 204 -26.18 1.92 -10.08
N LYS A 205 -26.02 2.67 -8.99
CA LYS A 205 -26.41 2.12 -7.69
C LYS A 205 -26.64 3.26 -6.71
N GLU A 206 -27.12 2.89 -5.51
CA GLU A 206 -27.56 3.83 -4.49
C GLU A 206 -26.47 4.19 -3.49
N ILE A 207 -25.53 3.29 -3.22
CA ILE A 207 -24.43 3.57 -2.28
C ILE A 207 -23.10 3.58 -3.02
N TYR A 208 -22.32 4.63 -2.80
CA TYR A 208 -20.98 4.78 -3.35
C TYR A 208 -19.98 5.02 -2.23
N TYR A 209 -18.73 4.66 -2.49
CA TYR A 209 -17.66 4.83 -1.51
C TYR A 209 -16.78 5.96 -1.97
N HIS A 210 -16.07 6.56 -1.02
CA HIS A 210 -15.27 7.70 -1.38
C HIS A 210 -14.21 7.28 -2.40
N GLY A 211 -14.06 8.12 -3.42
CA GLY A 211 -13.21 7.86 -4.56
C GLY A 211 -13.82 6.97 -5.63
N GLU A 212 -15.00 6.40 -5.39
CA GLU A 212 -15.59 5.50 -6.39
C GLU A 212 -16.33 6.28 -7.49
N PRO A 213 -16.05 5.96 -8.76
CA PRO A 213 -16.75 6.63 -9.86
C PRO A 213 -18.25 6.40 -9.80
N ILE A 214 -19.00 7.39 -10.30
CA ILE A 214 -20.45 7.38 -10.34
C ILE A 214 -20.89 7.44 -11.80
N SER A 215 -21.58 6.41 -12.25
CA SER A 215 -22.02 6.28 -13.63
C SER A 215 -23.45 6.78 -13.75
N VAL A 216 -23.67 7.80 -14.58
CA VAL A 216 -24.96 8.46 -14.76
C VAL A 216 -25.48 8.14 -16.15
N ASN A 217 -26.55 7.36 -16.21
CA ASN A 217 -27.17 6.99 -17.49
C ASN A 217 -28.22 8.04 -17.84
N VAL A 218 -28.09 8.64 -19.02
CA VAL A 218 -28.93 9.78 -19.39
C VAL A 218 -29.70 9.45 -20.65
N HIS A 219 -31.03 9.57 -20.58
CA HIS A 219 -31.90 9.27 -21.71
C HIS A 219 -32.77 10.49 -22.02
N VAL A 220 -32.53 11.12 -23.16
CA VAL A 220 -33.23 12.33 -23.55
C VAL A 220 -34.09 12.00 -24.76
N THR A 221 -35.40 12.10 -24.61
CA THR A 221 -36.31 11.99 -25.75
C THR A 221 -36.81 13.40 -26.04
N ASN A 222 -36.27 14.01 -27.09
CA ASN A 222 -36.58 15.41 -27.39
C ASN A 222 -37.62 15.45 -28.52
N ASN A 223 -38.89 15.43 -28.15
CA ASN A 223 -39.92 15.45 -29.17
C ASN A 223 -40.23 16.85 -29.67
N THR A 224 -39.53 17.88 -29.19
CA THR A 224 -39.90 19.26 -29.45
C THR A 224 -39.17 19.79 -30.68
N ASN A 225 -39.38 21.08 -30.96
CA ASN A 225 -38.65 21.83 -31.97
C ASN A 225 -37.48 22.60 -31.38
N LYS A 226 -37.29 22.53 -30.08
CA LYS A 226 -36.11 23.14 -29.47
C LYS A 226 -34.94 22.15 -29.53
N THR A 227 -33.76 22.69 -29.28
CA THR A 227 -32.50 21.97 -29.37
C THR A 227 -31.84 22.01 -28.00
N VAL A 228 -31.30 20.87 -27.57
CA VAL A 228 -30.55 20.81 -26.31
C VAL A 228 -29.12 21.24 -26.61
N LYS A 229 -28.70 22.39 -26.10
CA LYS A 229 -27.42 22.95 -26.53
C LYS A 229 -26.25 22.34 -25.76
N LYS A 230 -26.45 22.00 -24.50
CA LYS A 230 -25.43 21.35 -23.67
C LYS A 230 -26.15 20.46 -22.68
N ILE A 231 -25.38 19.59 -22.04
CA ILE A 231 -25.84 18.71 -20.99
C ILE A 231 -24.87 18.86 -19.84
N LYS A 232 -25.36 19.21 -18.67
CA LYS A 232 -24.49 19.44 -17.51
C LYS A 232 -24.83 18.42 -16.45
N ILE A 233 -23.81 17.71 -16.00
CA ILE A 233 -23.91 16.70 -14.93
C ILE A 233 -23.06 17.18 -13.76
N SER A 234 -23.64 17.23 -12.59
CA SER A 234 -22.86 17.65 -11.45
C SER A 234 -23.23 16.79 -10.25
N VAL A 235 -22.23 16.49 -9.42
CA VAL A 235 -22.46 15.90 -8.11
C VAL A 235 -22.50 17.04 -7.11
N ARG A 236 -23.51 17.07 -6.27
CA ARG A 236 -23.68 18.18 -5.37
C ARG A 236 -23.71 17.70 -3.94
N GLN A 237 -22.89 18.30 -3.11
CA GLN A 237 -23.02 18.17 -1.68
C GLN A 237 -24.04 19.19 -1.19
N TYR A 238 -25.05 18.70 -0.49
CA TYR A 238 -26.02 19.47 0.26
C TYR A 238 -25.65 19.47 1.74
N ALA A 239 -25.66 20.64 2.36
CA ALA A 239 -25.41 20.75 3.79
C ALA A 239 -26.59 21.48 4.42
N ASP A 240 -27.20 20.86 5.40
CA ASP A 240 -28.27 21.48 6.18
C ASP A 240 -27.66 21.72 7.55
N ILE A 241 -27.47 22.97 7.95
CA ILE A 241 -26.79 23.29 9.21
C ILE A 241 -27.75 23.95 10.19
N CYS A 242 -27.91 23.40 11.38
CA CYS A 242 -28.85 23.93 12.41
C CYS A 242 -28.16 24.29 13.73
N LEU A 243 -28.13 25.56 14.08
CA LEU A 243 -27.62 26.03 15.39
C LEU A 243 -28.53 27.16 15.81
N PHE A 244 -29.79 26.85 16.14
CA PHE A 244 -30.90 27.80 16.45
C PHE A 244 -31.38 28.50 15.17
N ASN A 245 -30.47 29.15 14.46
CA ASN A 245 -30.81 29.72 13.13
C ASN A 245 -30.30 28.71 12.13
N THR A 246 -31.12 28.22 11.22
CA THR A 246 -30.58 27.20 10.30
C THR A 246 -29.86 27.86 9.12
N ALA A 247 -29.11 27.09 8.38
CA ALA A 247 -28.45 27.51 7.12
C ALA A 247 -28.43 26.34 6.16
N GLN A 248 -28.12 26.60 4.90
CA GLN A 248 -28.20 25.53 3.91
C GLN A 248 -27.41 25.92 2.70
N TYR A 249 -26.67 24.99 2.12
CA TYR A 249 -25.97 25.26 0.88
C TYR A 249 -25.94 23.98 0.09
N LYS A 250 -25.75 24.13 -1.21
CA LYS A 250 -25.57 23.03 -2.15
C LYS A 250 -24.35 23.41 -2.96
N CYS A 251 -23.34 22.56 -2.95
CA CYS A 251 -22.09 22.93 -3.54
C CYS A 251 -21.73 21.86 -4.56
N PRO A 252 -21.46 22.23 -5.80
CA PRO A 252 -21.07 21.22 -6.78
C PRO A 252 -19.67 20.72 -6.45
N VAL A 253 -19.53 19.41 -6.22
CA VAL A 253 -18.22 18.82 -5.90
C VAL A 253 -17.60 18.07 -7.06
N ALA A 254 -18.35 17.76 -8.11
CA ALA A 254 -17.79 17.26 -9.35
C ALA A 254 -18.77 17.65 -10.44
N MET A 255 -18.27 17.86 -11.64
CA MET A 255 -19.09 18.48 -12.67
C MET A 255 -18.52 18.17 -14.04
N GLU A 256 -19.36 17.70 -14.95
CA GLU A 256 -18.95 17.60 -16.34
C GLU A 256 -19.91 18.42 -17.20
N GLU A 257 -19.35 19.23 -18.11
CA GLU A 257 -20.16 19.96 -19.07
C GLU A 257 -19.92 19.36 -20.43
N ALA A 258 -20.80 18.47 -20.86
CA ALA A 258 -20.70 17.85 -22.17
C ALA A 258 -21.34 18.76 -23.22
N ASP A 259 -20.63 18.98 -24.32
CA ASP A 259 -21.23 19.71 -25.44
C ASP A 259 -22.00 18.76 -26.34
N ASP A 260 -22.84 17.95 -25.72
CA ASP A 260 -23.64 16.94 -26.41
C ASP A 260 -25.00 17.54 -26.72
N THR A 261 -25.28 17.74 -27.99
CA THR A 261 -26.50 18.39 -28.42
C THR A 261 -27.57 17.36 -28.76
N VAL A 262 -28.84 17.69 -28.51
CA VAL A 262 -29.97 16.86 -28.92
C VAL A 262 -30.82 17.65 -29.91
N ALA A 263 -30.87 17.15 -31.13
CA ALA A 263 -31.60 17.79 -32.20
C ALA A 263 -33.09 17.75 -31.93
N PRO A 264 -33.87 18.56 -32.65
CA PRO A 264 -35.34 18.40 -32.58
C PRO A 264 -35.76 17.06 -33.16
N SER A 265 -36.79 16.49 -32.55
CA SER A 265 -37.23 15.12 -32.84
C SER A 265 -36.06 14.13 -32.83
N SER A 266 -35.32 14.14 -31.72
CA SER A 266 -34.17 13.28 -31.52
C SER A 266 -34.24 12.57 -30.19
N THR A 267 -33.67 11.38 -30.14
CA THR A 267 -33.32 10.76 -28.88
C THR A 267 -31.80 10.78 -28.72
N PHE A 268 -31.39 10.61 -27.48
CA PHE A 268 -29.97 10.68 -27.12
C PHE A 268 -29.82 9.90 -25.83
N CYS A 269 -28.92 8.91 -25.84
CA CYS A 269 -28.61 8.13 -24.66
C CYS A 269 -27.10 8.10 -24.50
N LYS A 270 -26.61 8.53 -23.34
CA LYS A 270 -25.18 8.51 -23.09
C LYS A 270 -24.95 8.34 -21.60
N VAL A 271 -23.96 7.50 -21.25
CA VAL A 271 -23.52 7.32 -19.87
C VAL A 271 -22.48 8.38 -19.58
N TYR A 272 -22.61 9.07 -18.44
CA TYR A 272 -21.54 9.92 -17.93
C TYR A 272 -20.98 9.39 -16.61
N THR A 273 -19.67 9.61 -16.39
CA THR A 273 -18.98 9.08 -15.23
C THR A 273 -18.22 10.18 -14.51
N LEU A 274 -18.58 10.41 -13.26
CA LEU A 274 -17.94 11.45 -12.46
C LEU A 274 -17.43 10.83 -11.17
N THR A 275 -16.39 11.43 -10.63
CA THR A 275 -15.77 10.94 -9.40
C THR A 275 -15.52 12.11 -8.49
N PRO A 276 -16.33 12.31 -7.47
CA PRO A 276 -16.06 13.34 -6.47
C PRO A 276 -14.74 13.07 -5.75
N PHE A 277 -13.90 14.11 -5.65
CA PHE A 277 -12.70 14.01 -4.84
C PHE A 277 -12.27 15.39 -4.39
N LEU A 278 -11.44 15.43 -3.35
CA LEU A 278 -11.18 16.70 -2.68
C LEU A 278 -10.16 17.54 -3.42
N ALA A 279 -9.17 16.90 -4.06
CA ALA A 279 -8.05 17.64 -4.61
C ALA A 279 -8.50 18.82 -5.47
N ASN A 280 -9.56 18.67 -6.29
CA ASN A 280 -10.00 19.76 -7.15
C ASN A 280 -11.15 20.53 -6.51
N ASN A 281 -11.13 20.63 -5.19
CA ASN A 281 -12.16 21.29 -4.39
C ASN A 281 -11.53 22.07 -3.25
N ARG A 282 -10.22 22.29 -3.30
CA ARG A 282 -9.55 22.93 -2.19
C ARG A 282 -9.91 24.42 -2.06
N GLU A 283 -10.39 25.06 -3.13
CA GLU A 283 -10.71 26.49 -3.01
C GLU A 283 -11.99 26.72 -2.20
N LYS A 284 -12.79 25.69 -2.09
CA LYS A 284 -14.15 25.79 -1.53
C LYS A 284 -14.19 25.86 -0.01
N ARG A 285 -13.86 27.01 0.55
CA ARG A 285 -13.91 27.16 1.99
C ARG A 285 -15.32 26.92 2.53
N GLY A 286 -15.40 26.22 3.66
CA GLY A 286 -16.67 25.82 4.24
C GLY A 286 -17.26 24.53 3.69
N LEU A 287 -16.63 23.91 2.70
CA LEU A 287 -17.13 22.62 2.25
C LEU A 287 -17.04 21.59 3.38
N ALA A 288 -18.03 20.71 3.46
CA ALA A 288 -18.14 19.77 4.57
C ALA A 288 -17.27 18.54 4.34
N LEU A 289 -16.46 18.22 5.35
CA LEU A 289 -15.58 17.05 5.35
C LEU A 289 -15.83 16.21 6.58
N ASP A 290 -15.41 14.94 6.52
CA ASP A 290 -15.49 14.08 7.69
C ASP A 290 -14.59 14.65 8.78
N GLY A 291 -15.00 14.45 10.03
CA GLY A 291 -14.42 15.21 11.12
C GLY A 291 -12.92 14.97 11.25
N LYS A 292 -12.20 16.06 11.51
CA LYS A 292 -10.78 16.04 11.78
C LYS A 292 -10.57 15.94 13.27
N LEU A 293 -9.47 15.30 13.66
CA LEU A 293 -9.05 15.25 15.06
C LEU A 293 -8.16 16.43 15.41
N LYS A 294 -7.08 16.65 14.67
CA LYS A 294 -6.38 17.93 14.76
C LYS A 294 -6.33 18.66 13.41
N HIS A 295 -5.51 18.21 12.46
CA HIS A 295 -5.42 18.93 11.20
C HIS A 295 -5.19 18.03 9.98
N GLU A 296 -5.37 16.75 10.07
CA GLU A 296 -5.06 15.89 8.95
C GLU A 296 -6.15 15.98 7.89
N ASP A 297 -5.79 15.62 6.67
CA ASP A 297 -6.75 15.55 5.58
C ASP A 297 -7.87 14.57 5.92
N THR A 298 -9.10 14.95 5.62
CA THR A 298 -10.20 13.97 5.63
C THR A 298 -10.87 14.03 4.28
N ASN A 299 -11.81 13.14 4.05
CA ASN A 299 -12.51 13.10 2.77
C ASN A 299 -13.72 14.06 2.76
N LEU A 300 -14.25 14.31 1.56
CA LEU A 300 -15.55 14.96 1.48
C LEU A 300 -16.48 14.25 2.46
N ALA A 301 -17.34 15.01 3.13
CA ALA A 301 -18.07 14.41 4.24
C ALA A 301 -18.98 13.30 3.74
N SER A 302 -19.07 12.22 4.53
CA SER A 302 -20.00 11.14 4.23
C SER A 302 -21.44 11.59 4.49
N SER A 303 -22.37 10.85 3.89
CA SER A 303 -23.79 11.13 4.07
C SER A 303 -24.18 10.92 5.53
N THR A 304 -24.84 11.90 6.12
CA THR A 304 -25.58 11.66 7.35
C THR A 304 -26.72 10.68 7.16
N LEU A 305 -26.80 9.66 8.01
CA LEU A 305 -27.95 8.76 7.99
C LEU A 305 -28.86 9.08 9.17
N LEU A 306 -30.16 8.88 8.99
CA LEU A 306 -31.11 9.33 10.00
C LEU A 306 -32.21 8.29 10.20
N ARG A 307 -32.71 8.22 11.43
CA ARG A 307 -33.86 7.37 11.71
C ARG A 307 -35.13 7.91 11.05
N GLU A 308 -36.04 6.99 10.72
CA GLU A 308 -37.34 7.36 10.15
C GLU A 308 -38.27 7.93 11.22
N GLU A 313 -35.83 20.60 13.54
CA GLU A 313 -34.75 19.90 12.87
C GLU A 313 -33.75 19.39 13.90
N ILE A 314 -32.62 18.85 13.43
CA ILE A 314 -31.59 18.31 14.30
C ILE A 314 -30.32 19.14 14.13
N LEU A 315 -29.60 19.35 15.22
CA LEU A 315 -28.47 20.25 15.26
C LEU A 315 -27.26 19.66 14.52
N GLY A 316 -26.26 20.51 14.29
CA GLY A 316 -25.05 20.09 13.61
C GLY A 316 -25.14 20.18 12.10
N ILE A 317 -24.39 19.32 11.41
CA ILE A 317 -24.16 19.43 9.98
C ILE A 317 -24.62 18.14 9.35
N ILE A 318 -25.77 18.20 8.66
CA ILE A 318 -26.38 17.09 7.97
C ILE A 318 -25.92 17.17 6.52
N VAL A 319 -25.34 16.10 6.01
CA VAL A 319 -24.77 16.10 4.67
C VAL A 319 -25.55 15.09 3.83
N SER A 320 -25.66 15.40 2.54
CA SER A 320 -26.26 14.48 1.59
C SER A 320 -25.82 14.92 0.23
N TYR A 321 -25.99 14.04 -0.76
CA TYR A 321 -25.47 14.23 -2.10
C TYR A 321 -26.56 13.93 -3.12
N LYS A 322 -26.47 14.59 -4.28
CA LYS A 322 -27.34 14.33 -5.42
C LYS A 322 -26.57 14.55 -6.71
N VAL A 323 -26.78 13.66 -7.67
CA VAL A 323 -26.43 14.02 -9.04
C VAL A 323 -27.53 14.91 -9.61
N LYS A 324 -27.13 16.01 -10.25
CA LYS A 324 -28.04 16.80 -11.08
C LYS A 324 -27.68 16.62 -12.54
N VAL A 325 -28.72 16.45 -13.38
CA VAL A 325 -28.59 16.42 -14.83
C VAL A 325 -29.48 17.52 -15.40
N LYS A 326 -28.88 18.46 -16.12
CA LYS A 326 -29.56 19.63 -16.65
C LYS A 326 -29.38 19.68 -18.16
N LEU A 327 -30.48 19.77 -18.88
CA LEU A 327 -30.43 20.07 -20.31
C LEU A 327 -30.55 21.58 -20.49
N VAL A 328 -29.56 22.18 -21.13
CA VAL A 328 -29.61 23.59 -21.49
C VAL A 328 -30.28 23.67 -22.85
N VAL A 329 -31.43 24.33 -22.92
CA VAL A 329 -32.29 24.25 -24.09
C VAL A 329 -32.36 25.60 -24.80
N SER A 330 -32.30 25.57 -26.12
CA SER A 330 -32.34 26.79 -26.91
C SER A 330 -33.60 27.58 -26.63
N ARG A 331 -33.50 28.88 -26.89
CA ARG A 331 -34.60 29.82 -26.68
C ARG A 331 -34.99 30.40 -28.02
N GLY A 332 -35.70 31.51 -28.00
CA GLY A 332 -36.31 31.96 -29.24
C GLY A 332 -37.75 31.51 -29.21
N GLY A 333 -38.35 31.28 -30.35
CA GLY A 333 -39.74 30.96 -30.23
C GLY A 333 -40.56 32.18 -29.83
N LEU A 334 -41.73 31.88 -29.28
CA LEU A 334 -42.75 32.90 -29.12
C LEU A 334 -42.30 34.00 -28.17
N LEU A 335 -41.59 33.61 -27.11
CA LEU A 335 -41.23 34.50 -26.02
C LEU A 335 -39.78 34.99 -26.11
N GLY A 336 -39.18 34.94 -27.29
CA GLY A 336 -37.77 35.26 -27.41
C GLY A 336 -36.96 34.47 -26.39
N ASP A 337 -36.13 35.20 -25.63
CA ASP A 337 -35.23 34.63 -24.65
C ASP A 337 -35.70 34.88 -23.23
N LEU A 338 -36.96 35.23 -23.02
CA LEU A 338 -37.44 35.70 -21.72
C LEU A 338 -37.70 34.57 -20.75
N ALA A 339 -38.08 33.39 -21.27
CA ALA A 339 -38.44 32.24 -20.46
C ALA A 339 -37.39 31.15 -20.63
N SER A 340 -37.03 30.51 -19.54
CA SER A 340 -36.14 29.37 -19.67
C SER A 340 -36.90 28.20 -20.29
N SER A 341 -36.18 27.45 -21.11
CA SER A 341 -36.67 26.16 -21.59
C SER A 341 -36.06 24.96 -20.87
N ASP A 342 -35.22 25.20 -19.85
CA ASP A 342 -34.29 24.16 -19.38
C ASP A 342 -35.00 23.02 -18.65
N VAL A 343 -34.36 21.86 -18.66
CA VAL A 343 -34.92 20.69 -18.03
C VAL A 343 -33.84 20.02 -17.18
N ALA A 344 -34.20 19.67 -15.94
CA ALA A 344 -33.25 19.13 -15.00
C ALA A 344 -33.89 18.03 -14.17
N VAL A 345 -33.03 17.15 -13.66
CA VAL A 345 -33.44 16.09 -12.75
C VAL A 345 -32.35 15.88 -11.70
N GLU A 346 -32.75 15.45 -10.51
CA GLU A 346 -31.82 15.23 -9.40
C GLU A 346 -31.89 13.79 -8.90
N LEU A 347 -30.73 13.19 -8.66
CA LEU A 347 -30.64 11.78 -8.28
C LEU A 347 -29.92 11.64 -6.94
N PRO A 348 -30.66 11.44 -5.85
CA PRO A 348 -30.02 11.28 -4.54
C PRO A 348 -29.25 9.97 -4.46
N PHE A 349 -28.18 9.97 -3.67
CA PHE A 349 -27.44 8.75 -3.44
C PHE A 349 -26.70 8.90 -2.13
N THR A 350 -26.14 7.78 -1.67
CA THR A 350 -25.42 7.69 -0.40
C THR A 350 -23.92 7.56 -0.69
N LEU A 351 -23.14 8.40 -0.03
CA LEU A 351 -21.69 8.41 -0.18
C LEU A 351 -21.05 8.22 1.20
N MET A 352 -20.44 7.04 1.44
CA MET A 352 -19.92 6.66 2.76
C MET A 352 -18.72 5.73 2.64
N HIS A 353 -18.03 5.51 3.77
CA HIS A 353 -17.04 4.43 3.86
C HIS A 353 -17.71 3.09 4.13
N PRO A 354 -17.21 1.99 3.56
CA PRO A 354 -17.64 0.66 4.05
C PRO A 354 -17.23 0.47 5.50
N LYS A 355 -18.07 -0.21 6.22
CA LYS A 355 -17.77 -0.69 7.57
C LYS A 355 -16.38 -1.32 7.59
N PRO A 356 -15.50 -0.86 8.47
CA PRO A 356 -14.15 -1.45 8.53
C PRO A 356 -14.08 -2.68 9.42
N LYS A 357 -12.91 -3.26 9.56
CA LYS A 357 -12.75 -4.25 10.62
C LYS A 357 -12.03 -3.69 11.82
N GLU A 358 -11.03 -2.83 11.62
CA GLU A 358 -10.36 -2.13 12.71
C GLU A 358 -10.66 -0.64 12.68
N GLU A 359 -10.51 -0.02 13.85
CA GLU A 359 -10.76 1.41 14.00
C GLU A 359 -9.88 2.18 13.03
N PRO A 360 -10.44 3.12 12.26
CA PRO A 360 -9.66 3.81 11.22
C PRO A 360 -8.56 4.66 11.82
N PRO A 361 -7.50 4.91 11.05
CA PRO A 361 -6.31 5.55 11.64
C PRO A 361 -6.62 6.93 12.20
N HIS A 362 -5.98 7.23 13.33
CA HIS A 362 -6.16 8.52 13.97
C HIS A 362 -5.64 9.64 13.08
N ARG A 363 -4.40 9.52 12.61
CA ARG A 363 -3.72 10.52 11.81
C ARG A 363 -3.51 10.01 10.39
N GLU A 364 -2.76 10.77 9.59
CA GLU A 364 -2.30 10.28 8.29
C GLU A 364 -1.31 9.13 8.53
N VAL A 365 -1.75 7.89 8.31
CA VAL A 365 -1.00 6.76 8.88
C VAL A 365 0.37 6.62 8.20
N PRO A 366 0.54 6.82 6.87
CA PRO A 366 1.89 7.16 6.42
C PRO A 366 2.07 8.66 6.61
N GLU A 367 2.82 9.07 7.61
CA GLU A 367 2.87 10.49 7.95
C GLU A 367 4.21 11.10 7.57
N ARG B 1 -20.70 35.18 28.69
CA ARG B 1 -19.88 34.94 27.51
C ARG B 1 -19.84 33.47 27.15
N PRO B 3 -17.03 30.49 25.48
CA PRO B 3 -15.60 30.21 25.41
C PRO B 3 -14.93 30.55 24.09
N PRO B 4 -13.74 31.17 24.13
CA PRO B 4 -12.91 31.33 22.95
C PRO B 4 -11.62 30.51 23.03
N LEU B 6 -7.59 29.80 20.93
CA LEU B 6 -6.64 30.50 20.06
C LEU B 6 -5.54 29.59 19.50
N GLY B 7 -5.24 29.76 18.21
CA GLY B 7 -4.17 29.04 17.56
C GLY B 7 -4.39 27.55 17.42
N PRO B 8 -3.53 26.88 16.62
CA PRO B 8 -3.46 25.43 16.40
C PRO B 8 -3.43 24.61 17.69
N SER B 12 -0.29 21.68 26.14
CA SER B 12 -1.02 20.43 25.95
C SER B 12 -0.08 19.33 25.44
N CYS B 13 -0.24 18.12 25.95
CA CYS B 13 0.66 17.01 25.61
C CYS B 13 0.29 16.32 24.30
N ALA B 16 -0.77 9.51 23.25
CA ALA B 16 0.07 8.35 23.11
C ALA B 16 -0.76 7.11 23.39
N LEU B 20 -2.35 -2.90 26.70
CA LEU B 20 -3.36 -3.55 27.51
C LEU B 20 -3.32 -5.05 27.24
N ARG B 21 -3.18 -5.86 28.28
CA ARG B 21 -3.14 -7.30 28.12
C ARG B 21 -4.54 -7.89 28.05
N LYS B 22 -4.67 -8.99 27.31
CA LYS B 22 -5.98 -9.61 27.05
C LYS B 22 -6.66 -10.10 28.31
N ASP C 14 15.73 8.08 9.59
CA ASP C 14 14.43 7.44 9.40
C ASP C 14 14.18 6.33 10.42
N ILE C 15 13.29 5.40 10.07
CA ILE C 15 13.02 4.23 10.89
C ILE C 15 13.77 3.02 10.33
N GLN C 16 14.64 2.43 11.12
CA GLN C 16 15.27 1.17 10.73
C GLN C 16 14.44 0.01 11.26
N MET C 17 14.18 -0.95 10.39
CA MET C 17 13.43 -2.16 10.70
C MET C 17 14.38 -3.31 10.45
N THR C 18 14.97 -3.83 11.52
CA THR C 18 15.93 -4.92 11.42
C THR C 18 15.18 -6.23 11.68
N GLN C 19 15.10 -7.06 10.65
CA GLN C 19 14.59 -8.42 10.81
C GLN C 19 15.68 -9.28 11.45
N SER C 20 15.32 -10.01 12.48
CA SER C 20 16.39 -10.69 13.20
C SER C 20 16.93 -11.89 12.45
N PRO C 21 16.16 -12.96 12.23
CA PRO C 21 16.81 -14.25 11.93
C PRO C 21 17.54 -14.23 10.59
N SER C 22 16.94 -13.61 9.59
CA SER C 22 17.57 -13.21 8.32
C SER C 22 17.86 -14.40 7.41
N SER C 23 17.78 -15.59 7.96
CA SER C 23 17.86 -16.85 7.25
C SER C 23 17.56 -17.92 8.29
N LEU C 24 16.83 -18.96 7.90
CA LEU C 24 16.52 -19.99 8.87
C LEU C 24 15.96 -21.20 8.16
N SER C 25 16.29 -22.37 8.70
CA SER C 25 15.89 -23.65 8.15
C SER C 25 14.86 -24.29 9.05
N ALA C 26 13.91 -24.97 8.44
CA ALA C 26 12.96 -25.80 9.17
C ALA C 26 12.24 -26.64 8.12
N SER C 27 11.35 -27.51 8.59
CA SER C 27 10.76 -28.55 7.77
C SER C 27 9.25 -28.40 7.79
N VAL C 28 8.58 -29.00 6.81
CA VAL C 28 7.14 -28.86 6.68
C VAL C 28 6.47 -29.23 7.99
N GLY C 29 5.81 -28.26 8.62
CA GLY C 29 5.15 -28.49 9.89
C GLY C 29 5.84 -27.90 11.09
N ASP C 30 6.96 -27.21 10.92
CA ASP C 30 7.60 -26.56 12.05
C ASP C 30 6.96 -25.18 12.32
N ARG C 31 7.20 -24.69 13.53
CA ARG C 31 6.64 -23.45 14.00
C ARG C 31 7.76 -22.41 14.02
N VAL C 32 7.83 -21.61 12.95
CA VAL C 32 8.88 -20.61 12.81
C VAL C 32 8.36 -19.27 13.31
N THR C 33 9.29 -18.44 13.78
CA THR C 33 8.95 -17.06 14.12
C THR C 33 10.05 -16.14 13.63
N ILE C 34 9.66 -15.11 12.86
CA ILE C 34 10.54 -14.02 12.40
C ILE C 34 10.28 -12.83 13.31
N THR C 35 11.31 -12.05 13.60
CA THR C 35 11.11 -10.86 14.40
C THR C 35 11.68 -9.68 13.63
N CYS C 36 11.25 -8.50 14.05
CA CYS C 36 11.58 -7.25 13.38
C CYS C 36 11.49 -6.17 14.46
N ARG C 37 12.58 -5.47 14.70
CA ARG C 37 12.63 -4.41 15.72
C ARG C 37 12.70 -3.07 15.04
N ALA C 38 11.90 -2.12 15.52
CA ALA C 38 11.78 -0.81 14.90
C ALA C 38 12.59 0.22 15.66
N SER C 39 13.31 1.07 14.93
CA SER C 39 14.07 2.18 15.52
C SER C 39 13.34 2.90 16.65
N GLN C 40 12.07 3.26 16.44
CA GLN C 40 11.26 3.90 17.46
C GLN C 40 9.82 3.42 17.34
N SER C 41 9.00 3.89 18.27
CA SER C 41 7.58 3.50 18.34
C SER C 41 6.92 3.83 17.04
N VAL C 42 6.45 2.82 16.34
CA VAL C 42 5.71 3.01 15.07
C VAL C 42 4.27 2.60 15.31
N SER C 43 3.84 2.60 16.55
CA SER C 43 2.47 2.18 16.90
C SER C 43 2.25 0.78 16.32
N SER C 44 1.18 0.51 15.62
CA SER C 44 0.99 -0.85 15.06
C SER C 44 1.08 -0.78 13.55
N ALA C 45 1.72 0.25 13.05
CA ALA C 45 1.73 0.42 11.59
C ALA C 45 2.81 -0.40 10.97
N VAL C 46 2.60 -1.70 10.94
CA VAL C 46 3.57 -2.66 10.42
C VAL C 46 2.83 -3.63 9.52
N ALA C 47 3.40 -3.91 8.36
CA ALA C 47 2.97 -4.99 7.49
C ALA C 47 4.06 -6.04 7.32
N TRP C 48 3.65 -7.25 6.91
CA TRP C 48 4.53 -8.35 6.59
C TRP C 48 4.26 -8.83 5.17
N TYR C 49 5.33 -9.21 4.44
CA TYR C 49 5.30 -9.54 3.02
C TYR C 49 6.10 -10.79 2.73
N GLN C 50 5.54 -11.67 1.90
CA GLN C 50 6.25 -12.83 1.37
C GLN C 50 6.62 -12.57 -0.09
N GLN C 51 7.85 -12.88 -0.46
CA GLN C 51 8.31 -12.77 -1.84
C GLN C 51 9.01 -14.06 -2.26
N LYS C 52 8.42 -14.73 -3.25
CA LYS C 52 9.01 -15.86 -3.91
C LYS C 52 10.01 -15.39 -4.97
N PRO C 53 11.01 -16.21 -5.29
CA PRO C 53 12.08 -15.74 -6.21
C PRO C 53 11.58 -15.49 -7.62
N GLY C 54 12.12 -14.44 -8.24
CA GLY C 54 11.66 -14.04 -9.55
C GLY C 54 10.18 -13.68 -9.60
N LYS C 55 9.63 -13.17 -8.52
CA LYS C 55 8.19 -12.95 -8.49
C LYS C 55 7.93 -11.86 -7.45
N ALA C 56 6.86 -11.10 -7.67
CA ALA C 56 6.61 -9.86 -6.95
C ALA C 56 6.12 -10.11 -5.52
N PRO C 57 6.52 -9.23 -4.58
CA PRO C 57 6.12 -9.42 -3.18
C PRO C 57 4.61 -9.40 -2.99
N LYS C 58 4.14 -10.25 -2.09
CA LYS C 58 2.73 -10.42 -1.77
C LYS C 58 2.49 -10.13 -0.30
N LEU C 59 1.30 -9.61 0.02
CA LEU C 59 1.00 -9.05 1.33
C LEU C 59 0.31 -10.07 2.21
N LEU C 60 0.85 -10.25 3.42
CA LEU C 60 0.41 -11.24 4.40
C LEU C 60 -0.33 -10.67 5.59
N ILE C 61 0.20 -9.64 6.24
CA ILE C 61 -0.35 -9.13 7.50
C ILE C 61 -0.21 -7.61 7.51
N TYR C 62 -1.22 -6.91 8.01
CA TYR C 62 -1.16 -5.46 8.12
C TYR C 62 -1.64 -5.06 9.51
N SER C 63 -1.47 -3.78 9.84
CA SER C 63 -1.70 -3.29 11.19
C SER C 63 -0.98 -4.11 12.27
N ALA C 64 0.04 -4.87 11.85
CA ALA C 64 0.87 -5.71 12.73
C ALA C 64 0.23 -7.01 13.16
N SER C 65 -1.07 -7.09 13.07
CA SER C 65 -1.77 -8.23 13.61
C SER C 65 -2.94 -8.71 12.76
N SER C 66 -3.29 -8.03 11.67
CA SER C 66 -4.47 -8.37 10.90
C SER C 66 -4.06 -9.16 9.66
N LEU C 67 -4.68 -10.32 9.50
CA LEU C 67 -4.43 -11.20 8.37
C LEU C 67 -5.07 -10.63 7.11
N TYR C 68 -4.30 -10.51 6.05
CA TYR C 68 -4.85 -10.08 4.77
C TYR C 68 -5.77 -11.15 4.19
N SER C 69 -6.78 -10.70 3.46
CA SER C 69 -7.73 -11.61 2.82
C SER C 69 -7.02 -12.61 1.94
N GLY C 70 -7.47 -13.86 2.00
CA GLY C 70 -6.86 -14.92 1.21
C GLY C 70 -5.50 -15.39 1.68
N VAL C 71 -5.14 -15.14 2.93
CA VAL C 71 -3.86 -15.61 3.44
C VAL C 71 -4.12 -16.72 4.45
N PRO C 72 -3.35 -17.80 4.45
CA PRO C 72 -3.64 -18.94 5.33
C PRO C 72 -3.64 -18.53 6.80
N SER C 73 -4.53 -19.17 7.56
CA SER C 73 -4.65 -18.92 8.99
C SER C 73 -3.34 -19.10 9.74
N ARG C 74 -2.46 -19.99 9.26
CA ARG C 74 -1.22 -20.29 9.97
C ARG C 74 -0.31 -19.07 10.13
N PHE C 75 -0.44 -18.06 9.27
CA PHE C 75 0.32 -16.84 9.42
C PHE C 75 -0.33 -15.93 10.44
N SER C 76 0.49 -15.39 11.35
CA SER C 76 0.02 -14.58 12.47
C SER C 76 1.02 -13.50 12.76
N GLY C 77 0.52 -12.30 13.04
CA GLY C 77 1.36 -11.17 13.39
C GLY C 77 1.18 -10.85 14.86
N SER C 78 2.24 -10.34 15.47
CA SER C 78 2.16 -9.96 16.87
C SER C 78 2.93 -8.66 17.07
N ARG C 79 2.65 -7.99 18.17
CA ARG C 79 3.39 -6.77 18.52
C ARG C 79 3.61 -6.74 20.02
N SER C 80 4.81 -6.31 20.41
CA SER C 80 5.13 -5.99 21.80
C SER C 80 5.94 -4.70 21.74
N GLY C 81 5.28 -3.57 22.02
CA GLY C 81 5.85 -2.25 21.85
C GLY C 81 6.51 -2.12 20.49
N THR C 82 7.82 -1.89 20.49
CA THR C 82 8.59 -1.68 19.27
C THR C 82 9.09 -2.98 18.66
N ASP C 83 8.67 -4.13 19.18
CA ASP C 83 9.09 -5.41 18.63
C ASP C 83 7.89 -6.12 18.01
N PHE C 84 8.13 -6.67 16.82
CA PHE C 84 7.09 -7.28 16.00
C PHE C 84 7.53 -8.66 15.58
N THR C 85 6.61 -9.63 15.65
CA THR C 85 6.91 -10.98 15.24
C THR C 85 5.92 -11.43 14.17
N LEU C 86 6.44 -12.18 13.21
CA LEU C 86 5.66 -12.99 12.30
C LEU C 86 5.94 -14.45 12.62
N THR C 87 4.91 -15.18 13.03
CA THR C 87 5.06 -16.61 13.26
C THR C 87 4.22 -17.37 12.23
N ILE C 88 4.74 -18.51 11.78
CA ILE C 88 3.97 -19.50 11.03
C ILE C 88 3.86 -20.74 11.89
N SER C 89 2.64 -21.19 12.12
CA SER C 89 2.43 -22.24 13.10
C SER C 89 2.83 -23.64 12.58
N SER C 90 2.77 -23.85 11.27
CA SER C 90 3.27 -25.08 10.66
C SER C 90 3.49 -24.81 9.18
N LEU C 91 4.77 -24.81 8.76
CA LEU C 91 5.12 -24.61 7.36
C LEU C 91 4.40 -25.60 6.45
N GLN C 92 3.99 -25.13 5.28
CA GLN C 92 3.51 -26.00 4.22
C GLN C 92 4.48 -25.96 3.06
N PRO C 93 4.39 -26.92 2.11
CA PRO C 93 5.24 -26.84 0.92
C PRO C 93 5.16 -25.52 0.20
N GLU C 94 3.99 -24.88 0.22
CA GLU C 94 3.80 -23.63 -0.51
C GLU C 94 4.75 -22.56 0.02
N ASP C 95 4.67 -22.26 1.32
CA ASP C 95 5.16 -21.00 1.85
C ASP C 95 6.63 -21.09 2.31
N PHE C 96 7.48 -21.39 1.33
CA PHE C 96 8.93 -21.35 1.48
C PHE C 96 9.41 -20.18 0.64
N ALA C 97 9.81 -19.09 1.29
CA ALA C 97 10.09 -17.86 0.56
C ALA C 97 10.96 -16.94 1.42
N THR C 98 11.02 -15.67 1.05
CA THR C 98 11.63 -14.61 1.84
C THR C 98 10.54 -13.70 2.41
N TYR C 99 10.79 -13.15 3.60
CA TYR C 99 9.79 -12.38 4.32
C TYR C 99 10.41 -11.07 4.80
N TYR C 100 9.76 -9.96 4.43
CA TYR C 100 10.11 -8.62 4.88
C TYR C 100 9.02 -8.07 5.80
N CYS C 101 9.42 -7.29 6.80
CA CYS C 101 8.51 -6.43 7.54
C CYS C 101 8.60 -5.01 6.97
N GLN C 102 7.52 -4.25 7.15
CA GLN C 102 7.44 -2.86 6.72
C GLN C 102 6.80 -2.06 7.83
N GLN C 103 7.44 -0.98 8.28
CA GLN C 103 6.70 0.03 9.00
C GLN C 103 6.10 1.00 7.98
N TYR C 104 4.88 1.47 8.26
CA TYR C 104 4.31 2.54 7.46
C TYR C 104 3.70 3.60 8.34
N LYS C 105 4.34 3.94 9.46
CA LYS C 105 3.83 5.05 10.26
C LYS C 105 4.48 6.37 9.91
N TYR C 106 5.59 6.36 9.20
CA TYR C 106 6.29 7.59 8.86
C TYR C 106 6.79 7.48 7.44
N VAL C 107 6.41 8.44 6.60
CA VAL C 107 7.21 8.68 5.41
C VAL C 107 8.64 8.90 5.85
N PRO C 108 9.64 8.26 5.23
CA PRO C 108 9.56 7.21 4.23
C PRO C 108 9.29 5.83 4.85
N VAL C 109 8.25 5.14 4.40
CA VAL C 109 8.05 3.76 4.83
C VAL C 109 9.31 2.97 4.45
N THR C 110 9.66 2.00 5.29
CA THR C 110 10.93 1.30 5.20
C THR C 110 10.75 -0.18 5.52
N PHE C 111 11.35 -1.03 4.68
CA PHE C 111 11.28 -2.48 4.82
C PHE C 111 12.45 -3.01 5.64
N GLY C 112 12.51 -4.34 5.77
CA GLY C 112 13.67 -5.01 6.32
C GLY C 112 14.44 -5.77 5.26
N GLN C 113 15.54 -6.40 5.73
CA GLN C 113 16.49 -7.01 4.80
C GLN C 113 15.98 -8.30 4.22
N GLY C 114 15.05 -8.96 4.88
CA GLY C 114 14.52 -10.23 4.45
C GLY C 114 14.89 -11.35 5.43
N THR C 115 14.10 -12.43 5.37
CA THR C 115 14.43 -13.64 6.11
C THR C 115 14.12 -14.82 5.18
N LYS C 116 15.16 -15.51 4.76
CA LYS C 116 14.98 -16.64 3.86
C LYS C 116 14.63 -17.86 4.70
N VAL C 117 13.63 -18.60 4.27
CA VAL C 117 13.22 -19.82 4.93
C VAL C 117 13.30 -20.94 3.89
N GLU C 118 13.98 -22.03 4.24
CA GLU C 118 14.13 -23.12 3.26
C GLU C 118 13.67 -24.45 3.82
N ILE C 119 13.93 -25.53 3.07
CA ILE C 119 13.23 -26.78 3.31
C ILE C 119 13.82 -27.56 4.48
N LYS C 120 15.11 -27.41 4.76
CA LYS C 120 15.81 -28.22 5.78
C LYS C 120 15.54 -29.72 5.65
N ARG C 121 15.98 -30.27 4.52
CA ARG C 121 15.97 -31.70 4.25
C ARG C 121 17.15 -32.43 4.89
N THR C 122 17.22 -33.74 4.68
CA THR C 122 18.39 -34.49 5.11
C THR C 122 19.54 -34.22 4.14
N VAL C 123 20.76 -34.33 4.65
CA VAL C 123 21.93 -33.95 3.85
C VAL C 123 21.96 -34.78 2.58
N ALA C 124 22.41 -34.17 1.50
CA ALA C 124 22.65 -34.88 0.25
C ALA C 124 23.92 -34.34 -0.39
N ALA C 125 24.81 -35.24 -0.79
CA ALA C 125 26.09 -34.85 -1.36
C ALA C 125 25.93 -34.19 -2.74
N PRO C 126 26.89 -33.35 -3.14
CA PRO C 126 26.82 -32.76 -4.49
C PRO C 126 27.40 -33.66 -5.58
N SER C 127 26.66 -33.84 -6.67
CA SER C 127 27.23 -34.47 -7.86
C SER C 127 28.20 -33.51 -8.54
N VAL C 128 29.48 -33.60 -8.20
CA VAL C 128 30.49 -32.62 -8.60
C VAL C 128 31.12 -33.05 -9.92
N PHE C 129 31.27 -32.10 -10.84
CA PHE C 129 31.86 -32.36 -12.15
C PHE C 129 32.81 -31.22 -12.50
N ILE C 130 33.33 -31.25 -13.72
CA ILE C 130 34.17 -30.18 -14.25
C ILE C 130 34.10 -30.24 -15.76
N PHE C 131 34.09 -29.07 -16.40
CA PHE C 131 33.99 -28.95 -17.85
C PHE C 131 35.14 -28.11 -18.40
N PRO C 132 35.99 -28.66 -19.25
CA PRO C 132 36.97 -27.83 -19.96
C PRO C 132 36.29 -26.84 -20.88
N PRO C 133 37.03 -25.89 -21.45
CA PRO C 133 36.43 -24.99 -22.44
C PRO C 133 36.40 -25.63 -23.83
N SER C 134 35.49 -25.11 -24.64
CA SER C 134 35.19 -25.66 -25.95
C SER C 134 36.12 -25.09 -27.01
N ASP C 135 36.16 -25.79 -28.16
CA ASP C 135 36.85 -25.25 -29.32
C ASP C 135 36.24 -23.93 -29.75
N SER C 136 34.91 -23.84 -29.68
CA SER C 136 34.23 -22.60 -30.06
C SER C 136 34.76 -21.42 -29.27
N GLN C 137 34.94 -21.58 -27.94
CA GLN C 137 35.35 -20.47 -27.09
C GLN C 137 36.84 -20.17 -27.19
N LEU C 138 37.67 -21.17 -27.46
CA LEU C 138 39.10 -20.92 -27.54
C LEU C 138 39.43 -20.04 -28.75
N LYS C 139 38.73 -20.25 -29.86
CA LYS C 139 38.93 -19.39 -31.02
C LYS C 139 38.53 -17.95 -30.76
N SER C 140 38.01 -17.64 -29.57
CA SER C 140 37.53 -16.32 -29.22
C SER C 140 38.52 -15.51 -28.41
N GLY C 141 39.56 -16.14 -27.87
CA GLY C 141 40.61 -15.43 -27.16
C GLY C 141 40.53 -15.48 -25.65
N THR C 142 39.52 -16.14 -25.08
CA THR C 142 39.43 -16.32 -23.64
C THR C 142 38.95 -17.73 -23.33
N ALA C 143 39.20 -18.17 -22.10
CA ALA C 143 38.82 -19.51 -21.65
C ALA C 143 38.08 -19.42 -20.32
N SER C 144 36.88 -19.97 -20.28
CA SER C 144 36.15 -20.22 -19.05
C SER C 144 36.13 -21.73 -18.83
N VAL C 145 36.42 -22.15 -17.59
CA VAL C 145 36.28 -23.55 -17.21
C VAL C 145 35.30 -23.61 -16.05
N VAL C 146 34.32 -24.51 -16.15
CA VAL C 146 33.13 -24.49 -15.31
C VAL C 146 33.07 -25.77 -14.49
N CYS C 147 33.04 -25.61 -13.16
CA CYS C 147 32.85 -26.69 -12.21
C CYS C 147 31.40 -26.65 -11.73
N LEU C 148 30.75 -27.80 -11.67
CA LEU C 148 29.33 -27.84 -11.34
C LEU C 148 29.08 -28.70 -10.09
N LEU C 149 28.33 -28.15 -9.14
CA LEU C 149 27.88 -28.89 -7.96
C LEU C 149 26.37 -29.06 -8.06
N ASN C 150 25.91 -30.30 -8.22
CA ASN C 150 24.51 -30.53 -8.49
C ASN C 150 23.85 -31.30 -7.35
N ASN C 151 22.65 -30.84 -6.97
CA ASN C 151 21.71 -31.58 -6.11
C ASN C 151 22.35 -31.91 -4.75
N PHE C 152 22.58 -30.85 -3.97
CA PHE C 152 23.15 -30.99 -2.65
C PHE C 152 22.40 -30.15 -1.61
N TYR C 153 22.53 -30.57 -0.35
CA TYR C 153 22.04 -29.85 0.80
C TYR C 153 23.05 -30.03 1.93
N PRO C 154 23.35 -28.97 2.68
CA PRO C 154 22.79 -27.62 2.66
C PRO C 154 23.43 -26.73 1.60
N ARG C 155 23.12 -25.43 1.63
CA ARG C 155 23.59 -24.54 0.57
C ARG C 155 25.06 -24.23 0.71
N GLU C 156 25.57 -24.18 1.94
CA GLU C 156 26.97 -23.84 2.16
C GLU C 156 27.88 -24.81 1.41
N ALA C 157 28.92 -24.27 0.77
CA ALA C 157 29.93 -25.07 0.09
C ALA C 157 31.11 -24.20 -0.32
N LYS C 158 32.32 -24.70 -0.09
CA LYS C 158 33.52 -24.03 -0.56
C LYS C 158 34.03 -24.72 -1.83
N VAL C 159 34.44 -23.92 -2.81
CA VAL C 159 35.07 -24.41 -4.03
C VAL C 159 36.36 -23.64 -4.24
N GLN C 160 37.41 -24.36 -4.60
CA GLN C 160 38.72 -23.77 -4.84
C GLN C 160 39.25 -24.25 -6.18
N TRP C 161 39.72 -23.32 -6.98
CA TRP C 161 40.38 -23.65 -8.23
C TRP C 161 41.88 -23.66 -8.00
N LYS C 162 42.51 -24.80 -8.26
CA LYS C 162 43.96 -24.92 -8.26
C LYS C 162 44.38 -25.25 -9.69
N VAL C 163 44.98 -24.28 -10.36
CA VAL C 163 45.64 -24.49 -11.65
C VAL C 163 47.13 -24.60 -11.36
N ASP C 164 47.67 -25.81 -11.55
CA ASP C 164 49.01 -26.18 -11.09
C ASP C 164 49.12 -26.08 -9.57
N ASN C 165 48.05 -26.51 -8.87
CA ASN C 165 47.97 -26.50 -7.42
C ASN C 165 48.25 -25.10 -6.86
N ALA C 166 47.55 -24.11 -7.42
CA ALA C 166 47.71 -22.71 -7.07
C ALA C 166 46.37 -22.10 -6.71
N LEU C 167 46.40 -21.15 -5.76
CA LEU C 167 45.18 -20.52 -5.30
C LEU C 167 44.60 -19.63 -6.39
N GLN C 168 43.29 -19.76 -6.63
CA GLN C 168 42.61 -18.87 -7.55
C GLN C 168 42.69 -17.45 -7.00
N SER C 169 43.40 -16.57 -7.70
CA SER C 169 43.61 -15.20 -7.23
C SER C 169 42.56 -14.24 -7.81
N GLY C 170 41.29 -14.56 -7.53
CA GLY C 170 40.21 -13.69 -7.93
C GLY C 170 39.80 -13.78 -9.37
N ASN C 171 39.89 -14.97 -9.98
CA ASN C 171 39.57 -15.18 -11.38
C ASN C 171 38.36 -16.08 -11.57
N SER C 172 37.73 -16.52 -10.48
CA SER C 172 36.59 -17.42 -10.51
C SER C 172 35.33 -16.68 -10.12
N GLN C 173 34.19 -17.31 -10.39
CA GLN C 173 32.93 -16.76 -9.89
C GLN C 173 31.91 -17.86 -9.71
N GLU C 174 31.28 -17.87 -8.53
CA GLU C 174 30.20 -18.81 -8.25
C GLU C 174 28.84 -18.25 -8.68
N SER C 175 27.84 -19.12 -8.61
CA SER C 175 26.44 -18.80 -8.84
C SER C 175 25.63 -20.01 -8.41
N VAL C 176 24.46 -19.76 -7.83
CA VAL C 176 23.71 -20.81 -7.15
C VAL C 176 22.22 -20.50 -7.27
N THR C 177 21.41 -21.54 -7.42
CA THR C 177 19.97 -21.41 -7.52
C THR C 177 19.30 -21.29 -6.13
N GLU C 178 17.99 -21.22 -6.15
CA GLU C 178 17.20 -21.49 -4.96
C GLU C 178 16.98 -22.98 -4.86
N GLN C 179 16.71 -23.47 -3.65
CA GLN C 179 16.72 -24.91 -3.47
C GLN C 179 15.52 -25.57 -4.15
N ASP C 180 14.37 -24.92 -4.16
CA ASP C 180 13.14 -25.68 -4.20
C ASP C 180 13.03 -26.55 -5.45
N SER C 181 12.62 -27.78 -5.22
CA SER C 181 12.40 -28.81 -6.22
C SER C 181 11.64 -29.90 -5.48
N LYS C 182 11.33 -30.98 -6.18
CA LYS C 182 10.75 -32.12 -5.48
C LYS C 182 11.73 -32.71 -4.48
N ASP C 183 13.02 -32.40 -4.62
CA ASP C 183 14.07 -32.98 -3.78
C ASP C 183 14.73 -31.99 -2.84
N SER C 184 14.36 -30.70 -2.92
CA SER C 184 14.69 -29.71 -1.90
C SER C 184 16.16 -29.30 -1.88
N THR C 185 16.89 -29.47 -2.98
CA THR C 185 18.32 -29.21 -2.98
C THR C 185 18.70 -28.02 -3.85
N TYR C 186 19.81 -27.38 -3.47
CA TYR C 186 20.42 -26.34 -4.27
C TYR C 186 21.31 -26.94 -5.34
N SER C 187 21.79 -26.07 -6.24
CA SER C 187 22.89 -26.40 -7.14
C SER C 187 23.74 -25.14 -7.30
N LEU C 188 24.98 -25.33 -7.72
CA LEU C 188 25.98 -24.29 -7.71
C LEU C 188 26.98 -24.58 -8.80
N SER C 189 27.33 -23.54 -9.54
CA SER C 189 28.38 -23.58 -10.53
C SER C 189 29.47 -22.61 -10.09
N SER C 190 30.71 -22.93 -10.46
CA SER C 190 31.84 -22.08 -10.17
C SER C 190 32.64 -21.99 -11.45
N THR C 191 32.83 -20.77 -11.95
CA THR C 191 33.42 -20.53 -13.25
C THR C 191 34.74 -19.80 -13.08
N LEU C 192 35.81 -20.44 -13.51
CA LEU C 192 37.13 -19.84 -13.60
C LEU C 192 37.32 -19.36 -15.02
N THR C 193 37.65 -18.08 -15.20
CA THR C 193 37.75 -17.50 -16.53
C THR C 193 39.15 -16.96 -16.73
N LEU C 194 39.82 -17.47 -17.78
CA LEU C 194 41.19 -17.14 -18.13
C LEU C 194 41.24 -16.69 -19.57
N SER C 195 42.28 -15.95 -19.92
CA SER C 195 42.52 -15.63 -21.31
C SER C 195 43.25 -16.78 -21.97
N LYS C 196 42.88 -17.08 -23.22
CA LYS C 196 43.48 -18.18 -23.96
C LYS C 196 44.99 -18.17 -23.77
N ALA C 197 45.58 -16.98 -23.86
CA ALA C 197 47.01 -16.81 -23.59
C ALA C 197 47.40 -17.44 -22.26
N ASP C 198 46.68 -17.11 -21.19
CA ASP C 198 47.00 -17.69 -19.89
C ASP C 198 46.63 -19.16 -19.83
N TYR C 199 45.49 -19.52 -20.45
CA TYR C 199 44.98 -20.88 -20.32
C TYR C 199 45.96 -21.90 -20.89
N GLU C 200 46.52 -21.62 -22.07
CA GLU C 200 47.34 -22.58 -22.78
C GLU C 200 48.70 -22.79 -22.13
N LYS C 201 49.12 -21.86 -21.26
CA LYS C 201 50.41 -22.03 -20.59
C LYS C 201 50.41 -23.28 -19.71
N HIS C 202 49.38 -23.44 -18.88
CA HIS C 202 49.36 -24.51 -17.89
C HIS C 202 48.61 -25.74 -18.40
N LYS C 203 48.69 -26.80 -17.62
CA LYS C 203 48.14 -28.09 -18.01
C LYS C 203 47.17 -28.67 -16.99
N VAL C 204 47.34 -28.36 -15.71
CA VAL C 204 46.55 -28.98 -14.64
C VAL C 204 45.49 -27.99 -14.17
N TYR C 205 44.23 -28.28 -14.52
CA TYR C 205 43.08 -27.47 -14.11
C TYR C 205 42.19 -28.34 -13.24
N ALA C 206 42.21 -28.12 -11.92
CA ALA C 206 41.45 -28.94 -10.99
C ALA C 206 40.52 -28.07 -10.16
N CYS C 207 39.43 -28.69 -9.70
CA CYS C 207 38.39 -28.03 -8.89
C CYS C 207 38.18 -28.86 -7.63
N GLU C 208 38.51 -28.29 -6.47
CA GLU C 208 38.34 -28.94 -5.18
C GLU C 208 37.09 -28.42 -4.49
N VAL C 209 36.24 -29.34 -4.03
CA VAL C 209 34.95 -29.00 -3.43
C VAL C 209 34.88 -29.53 -2.01
N THR C 210 34.30 -28.74 -1.12
CA THR C 210 34.13 -29.08 0.28
C THR C 210 32.68 -28.87 0.67
N HIS C 211 32.08 -29.88 1.32
CA HIS C 211 30.66 -29.87 1.64
C HIS C 211 30.39 -30.84 2.77
N GLN C 212 29.42 -30.49 3.61
CA GLN C 212 29.09 -31.33 4.76
C GLN C 212 28.18 -32.45 4.32
N GLY C 213 28.55 -33.15 3.26
CA GLY C 213 27.96 -34.39 2.84
C GLY C 213 29.04 -35.24 2.19
N LEU C 214 30.28 -34.75 2.30
CA LEU C 214 31.42 -35.36 1.63
C LEU C 214 32.66 -35.08 2.47
N SER C 215 33.17 -36.11 3.15
CA SER C 215 34.28 -35.93 4.09
C SER C 215 35.54 -35.44 3.38
N SER C 216 36.14 -36.30 2.57
CA SER C 216 37.46 -35.97 2.05
C SER C 216 37.28 -35.09 0.82
N PRO C 217 37.68 -33.80 0.91
CA PRO C 217 37.39 -32.85 -0.18
C PRO C 217 37.66 -33.41 -1.56
N VAL C 218 36.63 -33.37 -2.42
CA VAL C 218 36.69 -33.98 -3.74
C VAL C 218 37.36 -33.01 -4.72
N THR C 219 38.11 -33.57 -5.66
CA THR C 219 38.84 -32.77 -6.64
C THR C 219 38.68 -33.44 -8.00
N LYS C 220 38.02 -32.74 -8.92
CA LYS C 220 37.96 -33.12 -10.33
C LYS C 220 38.97 -32.29 -11.10
N SER C 221 39.59 -32.90 -12.10
CA SER C 221 40.66 -32.24 -12.84
C SER C 221 40.55 -32.63 -14.32
N PHE C 222 41.47 -32.09 -15.11
CA PHE C 222 41.61 -32.40 -16.53
C PHE C 222 42.86 -31.69 -17.04
N ASN C 223 43.33 -32.12 -18.21
CA ASN C 223 44.50 -31.50 -18.85
C ASN C 223 44.22 -30.96 -20.24
N ARG C 224 43.48 -31.69 -21.07
CA ARG C 224 43.27 -31.36 -22.47
C ARG C 224 44.61 -31.19 -23.20
N VAL D 17 -8.25 -6.73 -13.24
CA VAL D 17 -7.93 -6.56 -11.82
C VAL D 17 -6.42 -6.73 -11.59
N GLN D 18 -5.60 -5.99 -12.32
CA GLN D 18 -4.17 -6.26 -12.31
C GLN D 18 -3.38 -4.99 -12.55
N LEU D 19 -2.13 -5.01 -12.11
CA LEU D 19 -1.15 -3.97 -12.44
C LEU D 19 -0.23 -4.48 -13.54
N VAL D 20 0.12 -3.59 -14.45
CA VAL D 20 1.06 -3.93 -15.52
C VAL D 20 1.94 -2.72 -15.78
N GLU D 21 3.24 -2.86 -15.53
CA GLU D 21 4.21 -1.82 -15.81
C GLU D 21 4.70 -1.93 -17.25
N SER D 22 5.31 -0.85 -17.73
CA SER D 22 5.72 -0.74 -19.11
C SER D 22 7.01 0.08 -19.16
N GLY D 23 7.50 0.26 -20.38
CA GLY D 23 8.80 0.87 -20.56
C GLY D 23 9.84 0.02 -19.86
N GLY D 24 11.03 0.60 -19.75
CA GLY D 24 12.05 -0.03 -18.94
C GLY D 24 12.94 -0.94 -19.74
N GLY D 25 14.18 -0.51 -19.93
CA GLY D 25 15.18 -1.30 -20.61
C GLY D 25 16.55 -0.76 -20.30
N LEU D 26 17.42 -0.70 -21.29
CA LEU D 26 18.79 -0.24 -21.11
C LEU D 26 18.90 1.22 -21.51
N VAL D 27 19.49 2.05 -20.66
CA VAL D 27 19.75 3.46 -20.98
C VAL D 27 21.06 3.87 -20.32
N GLN D 28 21.89 4.61 -21.08
CA GLN D 28 23.24 4.99 -20.67
C GLN D 28 23.19 5.80 -19.38
N PRO D 29 24.32 5.89 -18.66
CA PRO D 29 24.31 6.65 -17.41
C PRO D 29 24.02 8.12 -17.66
N GLY D 30 23.37 8.75 -16.69
CA GLY D 30 22.96 10.12 -16.81
C GLY D 30 21.76 10.37 -17.71
N GLY D 31 21.26 9.36 -18.40
CA GLY D 31 20.12 9.50 -19.30
C GLY D 31 18.79 9.47 -18.57
N SER D 32 17.74 9.08 -19.29
CA SER D 32 16.41 9.16 -18.72
C SER D 32 15.52 8.05 -19.27
N LEU D 33 14.49 7.73 -18.49
CA LEU D 33 13.45 6.75 -18.83
C LEU D 33 12.13 7.16 -18.18
N ARG D 34 11.02 6.71 -18.76
CA ARG D 34 9.70 6.90 -18.18
C ARG D 34 8.97 5.58 -18.14
N LEU D 35 8.62 5.12 -16.93
CA LEU D 35 7.81 3.91 -16.76
C LEU D 35 6.35 4.27 -16.61
N SER D 36 5.48 3.49 -17.23
CA SER D 36 4.05 3.58 -16.99
C SER D 36 3.56 2.29 -16.36
N CYS D 37 2.61 2.44 -15.46
CA CYS D 37 2.00 1.34 -14.72
C CYS D 37 0.51 1.45 -14.98
N ALA D 38 -0.04 0.50 -15.72
CA ALA D 38 -1.45 0.53 -16.11
C ALA D 38 -2.24 -0.23 -15.06
N ALA D 39 -3.06 0.50 -14.30
CA ALA D 39 -3.84 -0.08 -13.21
C ALA D 39 -5.18 -0.53 -13.76
N SER D 40 -5.42 -1.83 -13.73
CA SER D 40 -6.60 -2.42 -14.33
C SER D 40 -7.55 -2.87 -13.23
N GLY D 41 -8.80 -2.45 -13.32
CA GLY D 41 -9.81 -3.02 -12.45
C GLY D 41 -9.77 -2.61 -11.00
N PHE D 42 -9.39 -1.36 -10.71
CA PHE D 42 -9.67 -0.79 -9.40
C PHE D 42 -9.67 0.72 -9.53
N ASN D 43 -10.27 1.40 -8.55
CA ASN D 43 -10.61 2.81 -8.68
C ASN D 43 -9.45 3.68 -8.23
N VAL D 44 -8.84 4.41 -9.17
CA VAL D 44 -7.62 5.16 -8.90
C VAL D 44 -7.83 6.30 -7.89
N TYR D 45 -9.05 6.82 -7.76
CA TYR D 45 -9.23 7.82 -6.72
C TYR D 45 -9.48 7.23 -5.33
N SER D 46 -9.69 5.91 -5.21
CA SER D 46 -9.75 5.31 -3.89
C SER D 46 -8.51 4.49 -3.57
N SER D 47 -7.38 4.79 -4.22
CA SER D 47 -6.17 4.02 -4.00
C SER D 47 -4.94 4.91 -4.18
N SER D 48 -3.91 4.70 -3.34
CA SER D 48 -2.64 5.36 -3.63
C SER D 48 -1.72 4.41 -4.40
N ILE D 49 -0.75 5.00 -5.06
CA ILE D 49 0.04 4.32 -6.08
C ILE D 49 1.49 4.62 -5.78
N HIS D 50 2.32 3.58 -5.73
CA HIS D 50 3.69 3.76 -5.29
C HIS D 50 4.64 2.99 -6.21
N TRP D 51 5.87 3.45 -6.26
CA TRP D 51 6.95 2.71 -6.89
C TRP D 51 7.89 2.18 -5.82
N VAL D 52 8.29 0.92 -5.95
CA VAL D 52 9.25 0.30 -5.03
C VAL D 52 10.30 -0.43 -5.85
N ARG D 53 11.57 -0.18 -5.57
CA ARG D 53 12.64 -0.79 -6.34
C ARG D 53 13.44 -1.80 -5.51
N GLN D 54 13.85 -2.86 -6.19
CA GLN D 54 14.57 -3.97 -5.60
C GLN D 54 15.77 -4.24 -6.49
N ALA D 55 16.96 -3.77 -6.07
CA ALA D 55 18.17 -4.06 -6.81
C ALA D 55 18.34 -5.57 -6.90
N PRO D 56 19.24 -6.05 -7.77
CA PRO D 56 19.50 -7.51 -7.81
C PRO D 56 19.87 -8.10 -6.45
N GLY D 57 18.97 -8.90 -5.89
CA GLY D 57 19.11 -9.49 -4.57
C GLY D 57 19.55 -8.59 -3.43
N LYS D 58 18.82 -7.49 -3.13
CA LYS D 58 19.20 -6.64 -2.00
C LYS D 58 18.03 -6.06 -1.19
N GLY D 59 16.84 -6.65 -1.25
CA GLY D 59 15.74 -6.11 -0.49
C GLY D 59 14.93 -5.05 -1.23
N LEU D 60 14.09 -4.35 -0.47
CA LEU D 60 13.04 -3.47 -0.99
C LEU D 60 13.22 -2.05 -0.52
N GLU D 61 13.11 -1.10 -1.45
CA GLU D 61 13.29 0.32 -1.18
C GLU D 61 12.14 1.12 -1.78
N TRP D 62 11.34 1.75 -0.91
CA TRP D 62 10.31 2.67 -1.40
C TRP D 62 10.99 3.87 -2.08
N VAL D 63 10.38 4.37 -3.16
CA VAL D 63 10.98 5.48 -3.90
C VAL D 63 10.05 6.68 -4.06
N ALA D 64 8.75 6.44 -4.31
CA ALA D 64 7.78 7.54 -4.48
C ALA D 64 6.35 7.05 -4.36
N SER D 65 5.45 7.96 -3.94
CA SER D 65 4.01 7.70 -3.83
C SER D 65 3.22 8.89 -4.37
N ILE D 66 1.93 8.66 -4.64
CA ILE D 66 1.03 9.72 -5.11
C ILE D 66 -0.41 9.41 -4.69
N SER D 67 -1.11 10.44 -4.20
CA SER D 67 -2.54 10.40 -3.86
C SER D 67 -3.34 11.31 -4.80
N SER D 68 -4.04 10.71 -5.77
CA SER D 68 -4.89 11.49 -6.67
C SER D 68 -6.11 12.05 -5.97
N TYR D 69 -6.63 11.36 -4.95
CA TYR D 69 -7.79 11.90 -4.25
C TYR D 69 -7.46 13.25 -3.64
N TYR D 70 -6.24 13.37 -3.09
CA TYR D 70 -5.75 14.55 -2.40
C TYR D 70 -4.70 15.35 -3.16
N GLY D 71 -4.31 14.93 -4.38
CA GLY D 71 -3.30 15.64 -5.15
C GLY D 71 -1.95 15.87 -4.48
N TYR D 72 -1.35 14.84 -3.89
CA TYR D 72 -0.06 14.97 -3.22
C TYR D 72 0.87 13.84 -3.64
N THR D 73 2.15 14.17 -3.70
CA THR D 73 3.21 13.27 -4.12
C THR D 73 4.32 13.33 -3.09
N TYR D 74 4.97 12.19 -2.89
CA TYR D 74 5.99 12.03 -1.86
C TYR D 74 7.16 11.25 -2.43
N TYR D 75 8.36 11.53 -1.93
CA TYR D 75 9.54 10.96 -2.52
C TYR D 75 10.51 10.49 -1.45
N ALA D 76 11.38 9.58 -1.84
CA ALA D 76 12.56 9.30 -1.03
C ALA D 76 13.62 10.34 -1.36
N ASP D 77 14.42 10.71 -0.36
CA ASP D 77 15.41 11.74 -0.64
C ASP D 77 16.44 11.29 -1.66
N SER D 78 16.47 9.99 -1.98
CA SER D 78 17.43 9.47 -2.94
C SER D 78 17.11 9.91 -4.36
N VAL D 79 15.81 9.93 -4.70
CA VAL D 79 15.36 10.31 -6.08
C VAL D 79 14.75 11.71 -6.12
N LYS D 80 14.83 12.47 -5.04
CA LYS D 80 14.30 13.85 -5.11
C LYS D 80 15.10 14.61 -6.15
N GLY D 81 14.44 15.38 -7.00
CA GLY D 81 15.22 16.21 -7.92
C GLY D 81 15.34 15.56 -9.27
N ARG D 82 15.07 14.29 -9.36
CA ARG D 82 15.25 13.69 -10.67
C ARG D 82 14.24 12.60 -10.99
N PHE D 83 13.34 12.28 -10.06
CA PHE D 83 12.22 11.39 -10.28
C PHE D 83 10.94 12.16 -10.04
N THR D 84 9.90 11.81 -10.78
CA THR D 84 8.61 12.49 -10.69
C THR D 84 7.52 11.44 -10.88
N ILE D 85 6.63 11.34 -9.92
CA ILE D 85 5.48 10.46 -10.05
C ILE D 85 4.30 11.31 -10.48
N SER D 86 3.62 10.85 -11.52
CA SER D 86 2.47 11.53 -12.06
C SER D 86 1.38 10.51 -12.30
N ALA D 87 0.17 11.00 -12.54
CA ALA D 87 -0.98 10.14 -12.81
C ALA D 87 -1.80 10.78 -13.92
N ASP D 88 -2.21 9.96 -14.87
CA ASP D 88 -3.24 10.32 -15.84
C ASP D 88 -4.41 9.43 -15.48
N THR D 89 -5.35 9.98 -14.72
CA THR D 89 -6.45 9.20 -14.20
C THR D 89 -7.49 8.87 -15.26
N SER D 90 -7.48 9.56 -16.40
CA SER D 90 -8.35 9.17 -17.50
C SER D 90 -7.99 7.77 -18.02
N LYS D 91 -6.70 7.47 -18.06
CA LYS D 91 -6.23 6.20 -18.61
C LYS D 91 -5.99 5.14 -17.53
N ASN D 92 -6.31 5.45 -16.29
CA ASN D 92 -6.05 4.56 -15.15
C ASN D 92 -4.58 4.20 -15.02
N THR D 93 -3.66 5.03 -15.56
CA THR D 93 -2.25 4.73 -15.45
C THR D 93 -1.50 5.81 -14.69
N ALA D 94 -0.42 5.39 -14.04
CA ALA D 94 0.53 6.24 -13.35
C ALA D 94 1.88 6.19 -14.06
N TYR D 95 2.73 7.14 -13.74
CA TYR D 95 4.01 7.28 -14.41
C TYR D 95 5.08 7.57 -13.38
N LEU D 96 6.27 7.04 -13.65
CA LEU D 96 7.47 7.45 -12.95
C LEU D 96 8.46 7.79 -14.04
N GLN D 97 8.76 9.07 -14.16
CA GLN D 97 9.70 9.54 -15.15
C GLN D 97 11.04 9.69 -14.45
N MET D 98 12.09 9.15 -15.08
CA MET D 98 13.36 8.89 -14.40
C MET D 98 14.48 9.50 -15.24
N ASN D 99 14.95 10.68 -14.86
CA ASN D 99 16.09 11.27 -15.53
C ASN D 99 17.25 11.38 -14.55
N SER D 100 18.45 11.52 -15.11
CA SER D 100 19.69 11.56 -14.34
C SER D 100 19.91 10.24 -13.58
N LEU D 101 19.92 9.15 -14.35
CA LEU D 101 19.97 7.79 -13.80
C LEU D 101 21.42 7.34 -13.61
N ARG D 102 21.69 6.75 -12.45
CA ARG D 102 22.99 6.15 -12.16
C ARG D 102 22.92 4.65 -12.34
N ALA D 103 24.09 4.01 -12.28
CA ALA D 103 24.10 2.56 -12.10
C ALA D 103 23.36 2.15 -10.84
N GLU D 104 23.54 2.89 -9.74
CA GLU D 104 22.91 2.55 -8.47
C GLU D 104 21.40 2.36 -8.60
N ASP D 105 20.73 3.16 -9.43
CA ASP D 105 19.30 3.03 -9.61
C ASP D 105 18.90 1.80 -10.43
N THR D 106 19.86 1.07 -11.00
CA THR D 106 19.54 -0.22 -11.59
C THR D 106 18.80 -1.08 -10.57
N ALA D 107 17.70 -1.69 -11.01
CA ALA D 107 16.81 -2.41 -10.11
C ALA D 107 15.65 -2.97 -10.94
N VAL D 108 14.84 -3.79 -10.27
CA VAL D 108 13.51 -4.14 -10.76
C VAL D 108 12.54 -3.20 -10.06
N TYR D 109 11.99 -2.24 -10.82
CA TYR D 109 11.05 -1.28 -10.24
C TYR D 109 9.66 -1.89 -10.23
N TYR D 110 8.99 -1.75 -9.09
CA TYR D 110 7.65 -2.29 -8.88
C TYR D 110 6.66 -1.16 -8.68
N CYS D 111 5.51 -1.30 -9.35
CA CYS D 111 4.37 -0.42 -9.14
C CYS D 111 3.44 -1.11 -8.16
N ALA D 112 3.30 -0.55 -6.96
CA ALA D 112 2.43 -1.15 -5.94
C ALA D 112 1.27 -0.22 -5.60
N ARG D 113 0.17 -0.86 -5.22
CA ARG D 113 -1.11 -0.24 -4.99
C ARG D 113 -1.41 -0.22 -3.50
N SER D 114 -2.06 0.86 -3.07
CA SER D 114 -2.45 1.05 -1.68
C SER D 114 -3.91 1.44 -1.61
N ARG D 115 -4.57 1.02 -0.56
CA ARG D 115 -5.94 1.46 -0.29
C ARG D 115 -5.92 2.88 0.29
N GLN D 116 -6.62 3.80 -0.38
CA GLN D 116 -6.60 5.22 0.03
C GLN D 116 -7.31 5.44 1.37
N PHE D 117 -8.43 4.76 1.62
CA PHE D 117 -9.13 4.90 2.90
C PHE D 117 -9.23 3.51 3.54
N TRP D 118 -8.21 3.09 4.27
CA TRP D 118 -6.98 3.82 4.53
C TRP D 118 -5.78 2.83 4.41
N TYR D 119 -4.55 3.36 4.41
CA TYR D 119 -3.35 2.63 4.06
C TYR D 119 -3.18 1.41 4.96
N SER D 120 -3.32 0.23 4.36
CA SER D 120 -3.19 -1.02 5.12
C SER D 120 -2.15 -1.91 4.46
N GLY D 121 -0.97 -1.37 4.21
CA GLY D 121 0.05 -2.07 3.45
C GLY D 121 -0.12 -1.96 1.93
N LEU D 122 0.94 -2.36 1.22
CA LEU D 122 0.86 -2.49 -0.24
C LEU D 122 0.24 -3.83 -0.56
N ASP D 123 -1.04 -3.82 -0.98
CA ASP D 123 -1.82 -5.04 -1.12
C ASP D 123 -1.79 -5.62 -2.52
N TYR D 124 -1.17 -4.94 -3.46
CA TYR D 124 -1.07 -5.49 -4.81
C TYR D 124 0.16 -4.88 -5.47
N TRP D 125 0.97 -5.75 -6.10
CA TRP D 125 2.22 -5.36 -6.71
C TRP D 125 2.20 -5.68 -8.20
N GLY D 126 2.94 -4.90 -8.99
CA GLY D 126 3.11 -5.21 -10.38
C GLY D 126 4.17 -6.28 -10.60
N GLN D 127 4.10 -6.92 -11.77
CA GLN D 127 5.05 -7.98 -12.12
C GLN D 127 6.49 -7.48 -12.24
N GLY D 128 6.72 -6.17 -12.08
CA GLY D 128 8.05 -5.61 -12.20
C GLY D 128 8.49 -5.28 -13.61
N THR D 129 9.33 -4.26 -13.78
CA THR D 129 10.00 -3.93 -15.02
C THR D 129 11.46 -3.66 -14.71
N LEU D 130 12.35 -4.26 -15.50
CA LEU D 130 13.79 -4.16 -15.30
C LEU D 130 14.33 -2.91 -15.99
N VAL D 131 15.16 -2.15 -15.29
CA VAL D 131 15.83 -1.00 -15.86
C VAL D 131 17.30 -1.09 -15.48
N THR D 132 18.12 -1.55 -16.42
CA THR D 132 19.56 -1.51 -16.21
C THR D 132 20.11 -0.16 -16.67
N VAL D 133 21.18 0.27 -16.01
CA VAL D 133 21.84 1.53 -16.31
C VAL D 133 23.34 1.25 -16.39
N SER D 134 23.89 1.23 -17.60
CA SER D 134 25.31 1.06 -17.80
C SER D 134 25.68 1.64 -19.16
N SER D 135 26.98 1.85 -19.34
CA SER D 135 27.53 2.36 -20.59
C SER D 135 27.69 1.27 -21.63
N ALA D 136 27.04 0.14 -21.45
CA ALA D 136 27.38 -1.09 -22.16
C ALA D 136 26.47 -1.28 -23.36
N SER D 137 27.08 -1.29 -24.55
CA SER D 137 26.36 -1.54 -25.79
C SER D 137 25.53 -2.80 -25.61
N THR D 138 24.29 -2.78 -26.11
CA THR D 138 23.33 -3.86 -25.92
C THR D 138 23.74 -5.05 -26.79
N LYS D 139 24.71 -5.82 -26.29
CA LYS D 139 25.32 -6.94 -26.98
C LYS D 139 24.69 -8.26 -26.54
N GLY D 140 24.66 -9.22 -27.46
CA GLY D 140 24.08 -10.52 -27.19
C GLY D 140 25.15 -11.54 -26.84
N PRO D 141 24.72 -12.69 -26.29
CA PRO D 141 25.70 -13.68 -25.83
C PRO D 141 26.46 -14.34 -26.97
N SER D 142 27.38 -15.21 -26.61
CA SER D 142 27.96 -16.20 -27.51
C SER D 142 27.85 -17.50 -26.77
N VAL D 143 26.86 -18.33 -27.12
CA VAL D 143 26.66 -19.57 -26.40
C VAL D 143 27.81 -20.54 -26.69
N PHE D 144 28.13 -21.38 -25.71
CA PHE D 144 29.19 -22.36 -25.85
C PHE D 144 28.74 -23.67 -25.23
N PRO D 145 29.31 -24.80 -25.66
CA PRO D 145 28.88 -26.10 -25.14
C PRO D 145 29.69 -26.54 -23.93
N LEU D 146 29.06 -27.40 -23.14
CA LEU D 146 29.76 -28.15 -22.09
C LEU D 146 29.58 -29.63 -22.41
N ALA D 147 30.56 -30.22 -23.07
CA ALA D 147 30.42 -31.58 -23.57
C ALA D 147 30.40 -32.59 -22.41
N PRO D 148 29.56 -33.62 -22.48
CA PRO D 148 29.60 -34.68 -21.47
C PRO D 148 30.89 -35.50 -21.57
N SER D 149 31.42 -35.88 -20.40
CA SER D 149 32.74 -36.51 -20.35
C SER D 149 32.76 -37.55 -19.24
N SER D 150 33.91 -38.22 -19.12
CA SER D 150 34.19 -39.07 -17.96
C SER D 150 34.28 -38.23 -16.68
N LYS D 151 34.79 -37.01 -16.79
CA LYS D 151 34.88 -36.06 -15.68
C LYS D 151 33.56 -35.34 -15.41
N SER D 152 32.46 -35.76 -16.07
CA SER D 152 31.13 -35.24 -15.82
C SER D 152 30.07 -36.34 -15.69
N THR D 153 30.47 -37.60 -15.60
CA THR D 153 29.53 -38.71 -15.50
C THR D 153 29.64 -39.36 -14.11
N SER D 154 28.48 -39.68 -13.52
CA SER D 154 28.42 -40.22 -12.17
C SER D 154 27.27 -41.19 -12.06
N GLY D 155 27.58 -42.46 -11.78
CA GLY D 155 26.60 -43.49 -11.49
C GLY D 155 25.43 -43.60 -12.45
N GLY D 156 25.74 -43.72 -13.74
CA GLY D 156 24.70 -43.75 -14.76
C GLY D 156 24.19 -42.40 -15.22
N THR D 157 24.59 -41.31 -14.55
CA THR D 157 24.12 -39.96 -14.86
C THR D 157 25.28 -39.14 -15.43
N ALA D 158 25.09 -38.58 -16.62
CA ALA D 158 26.06 -37.69 -17.26
C ALA D 158 25.42 -36.32 -17.49
N ALA D 159 26.14 -35.26 -17.11
CA ALA D 159 25.63 -33.90 -17.17
C ALA D 159 26.12 -33.22 -18.45
N LEU D 160 25.17 -32.68 -19.22
CA LEU D 160 25.43 -31.84 -20.39
C LEU D 160 25.04 -30.41 -20.05
N GLY D 161 25.46 -29.47 -20.90
CA GLY D 161 25.12 -28.09 -20.59
C GLY D 161 25.48 -27.12 -21.69
N CYS D 162 25.13 -25.85 -21.44
CA CYS D 162 25.43 -24.72 -22.31
C CYS D 162 25.88 -23.54 -21.46
N LEU D 163 26.87 -22.80 -21.94
CA LEU D 163 27.35 -21.59 -21.28
C LEU D 163 26.95 -20.38 -22.12
N VAL D 164 26.23 -19.44 -21.51
CA VAL D 164 25.84 -18.19 -22.17
C VAL D 164 26.65 -17.06 -21.55
N LYS D 165 27.51 -16.45 -22.36
CA LYS D 165 28.51 -15.52 -21.86
C LYS D 165 28.53 -14.26 -22.71
N ASP D 166 28.74 -13.13 -22.04
CA ASP D 166 28.95 -11.83 -22.67
C ASP D 166 27.72 -11.33 -23.43
N TYR D 167 26.63 -11.09 -22.67
CA TYR D 167 25.46 -10.36 -23.13
C TYR D 167 25.23 -9.18 -22.19
N PHE D 168 24.92 -7.99 -22.77
CA PHE D 168 24.84 -6.67 -22.13
C PHE D 168 23.52 -6.29 -21.44
N PRO D 169 22.36 -6.62 -22.02
CA PRO D 169 21.11 -6.38 -21.28
C PRO D 169 20.64 -7.64 -20.58
N GLU D 170 20.13 -7.48 -19.36
CA GLU D 170 19.93 -8.60 -18.43
C GLU D 170 19.12 -9.77 -18.96
N PRO D 171 17.93 -9.58 -19.54
CA PRO D 171 17.00 -10.72 -19.69
C PRO D 171 17.42 -11.69 -20.79
N VAL D 172 17.74 -12.91 -20.38
CA VAL D 172 17.95 -14.03 -21.31
C VAL D 172 17.07 -15.19 -20.85
N THR D 173 16.79 -16.10 -21.78
CA THR D 173 15.98 -17.27 -21.46
C THR D 173 16.57 -18.48 -22.16
N VAL D 174 16.51 -19.64 -21.51
CA VAL D 174 17.11 -20.87 -22.01
C VAL D 174 16.12 -22.01 -21.86
N SER D 175 15.75 -22.63 -22.97
CA SER D 175 14.99 -23.87 -22.97
C SER D 175 15.91 -25.00 -23.42
N TRP D 176 15.62 -26.20 -22.95
CA TRP D 176 16.42 -27.37 -23.35
C TRP D 176 15.54 -28.27 -24.20
N ASN D 177 16.06 -28.70 -25.34
CA ASN D 177 15.30 -29.59 -26.26
C ASN D 177 13.94 -29.01 -26.61
N SER D 178 13.87 -27.71 -26.88
CA SER D 178 12.61 -27.10 -27.37
C SER D 178 11.42 -27.42 -26.46
N GLY D 179 11.46 -27.01 -25.21
CA GLY D 179 10.29 -27.24 -24.34
C GLY D 179 10.38 -28.51 -23.54
N ALA D 180 11.51 -29.22 -23.67
CA ALA D 180 11.80 -30.46 -22.91
C ALA D 180 12.76 -30.12 -21.74
N SER D 183 12.33 -31.49 -15.90
CA SER D 183 12.92 -32.80 -15.53
C SER D 183 14.44 -32.86 -15.60
N GLY D 184 15.13 -32.13 -14.73
CA GLY D 184 16.59 -32.28 -14.67
C GLY D 184 17.34 -31.08 -15.18
N VAL D 185 16.65 -30.00 -15.55
CA VAL D 185 17.48 -28.92 -16.04
C VAL D 185 17.63 -27.85 -14.96
N HIS D 186 18.87 -27.39 -14.75
CA HIS D 186 19.17 -26.26 -13.89
C HIS D 186 19.73 -25.12 -14.76
N THR D 187 19.07 -23.96 -14.71
CA THR D 187 19.54 -22.76 -15.37
C THR D 187 19.97 -21.76 -14.31
N PHE D 188 21.12 -21.34 -14.39
CA PHE D 188 21.65 -20.65 -13.23
C PHE D 188 21.36 -19.17 -13.28
N PRO D 189 21.21 -18.54 -12.11
CA PRO D 189 21.24 -17.08 -12.05
C PRO D 189 22.51 -16.55 -12.70
N ALA D 190 22.36 -15.49 -13.48
CA ALA D 190 23.47 -14.89 -14.17
C ALA D 190 24.34 -14.11 -13.19
N VAL D 191 25.57 -13.85 -13.61
CA VAL D 191 26.52 -13.08 -12.83
C VAL D 191 27.06 -11.98 -13.72
N LEU D 192 27.43 -10.86 -13.12
CA LEU D 192 28.10 -9.81 -13.85
C LEU D 192 29.60 -9.86 -13.53
N GLN D 193 30.41 -9.74 -14.56
CA GLN D 193 31.86 -9.80 -14.44
C GLN D 193 32.45 -8.42 -14.64
N SER D 194 33.79 -8.34 -14.53
CA SER D 194 34.49 -7.07 -14.62
C SER D 194 34.24 -6.34 -15.94
N SER D 195 33.88 -7.06 -16.99
CA SER D 195 33.56 -6.49 -18.29
C SER D 195 32.16 -5.91 -18.35
N GLY D 196 31.39 -5.98 -17.26
CA GLY D 196 30.02 -5.51 -17.31
C GLY D 196 29.08 -6.32 -18.15
N LEU D 197 29.52 -7.45 -18.71
CA LEU D 197 28.63 -8.32 -19.45
C LEU D 197 28.04 -9.37 -18.52
N TYR D 198 27.01 -10.04 -18.98
CA TYR D 198 26.39 -11.11 -18.21
C TYR D 198 26.93 -12.45 -18.69
N SER D 199 27.15 -13.35 -17.74
CA SER D 199 27.43 -14.75 -18.04
C SER D 199 26.46 -15.60 -17.22
N LEU D 200 26.11 -16.76 -17.77
CA LEU D 200 25.34 -17.73 -17.00
C LEU D 200 25.50 -19.09 -17.68
N SER D 201 24.98 -20.12 -17.00
CA SER D 201 25.02 -21.46 -17.53
C SER D 201 23.68 -22.13 -17.28
N SER D 202 23.40 -23.15 -18.10
CA SER D 202 22.31 -24.08 -17.85
C SER D 202 22.79 -25.50 -18.17
N VAL D 203 22.39 -26.47 -17.36
CA VAL D 203 22.78 -27.85 -17.54
C VAL D 203 21.53 -28.75 -17.45
N VAL D 204 21.77 -30.04 -17.66
CA VAL D 204 20.72 -31.06 -17.60
C VAL D 204 21.33 -32.37 -17.13
N THR D 205 20.66 -33.03 -16.19
CA THR D 205 20.97 -34.41 -15.84
C THR D 205 20.34 -35.33 -16.87
N VAL D 206 21.12 -36.29 -17.36
CA VAL D 206 20.65 -37.19 -18.41
C VAL D 206 21.49 -38.46 -18.35
N PRO D 207 20.96 -39.62 -18.72
CA PRO D 207 21.74 -40.86 -18.63
C PRO D 207 22.76 -40.99 -19.76
N SER D 208 23.62 -42.00 -19.61
CA SER D 208 24.72 -42.24 -20.53
C SER D 208 24.29 -42.67 -21.93
N SER D 209 22.99 -42.81 -22.19
CA SER D 209 22.51 -43.05 -23.54
C SER D 209 21.90 -41.78 -24.13
N TYR D 216 21.02 -33.84 -27.96
CA TYR D 216 20.21 -32.79 -27.36
C TYR D 216 20.82 -31.39 -27.56
N ILE D 217 19.95 -30.38 -27.64
CA ILE D 217 20.32 -29.00 -27.95
C ILE D 217 19.71 -28.08 -26.88
N CYS D 218 20.16 -26.83 -26.87
CA CYS D 218 19.70 -25.85 -25.88
C CYS D 218 19.17 -24.61 -26.59
N ASN D 219 17.89 -24.29 -26.35
CA ASN D 219 17.20 -23.16 -26.98
C ASN D 219 17.43 -21.92 -26.13
N VAL D 220 18.49 -21.18 -26.46
CA VAL D 220 18.84 -19.93 -25.79
C VAL D 220 18.28 -18.76 -26.60
N ASN D 221 17.97 -17.66 -25.92
CA ASN D 221 17.46 -16.47 -26.60
C ASN D 221 17.55 -15.26 -25.68
N HIS D 222 18.06 -14.14 -26.22
CA HIS D 222 18.00 -12.84 -25.56
C HIS D 222 17.09 -11.95 -26.40
N LYS D 223 15.90 -11.68 -25.87
CA LYS D 223 15.00 -10.73 -26.54
C LYS D 223 15.62 -9.37 -26.80
N PRO D 224 16.45 -8.78 -25.91
CA PRO D 224 16.97 -7.43 -26.21
C PRO D 224 17.93 -7.37 -27.39
N SER D 225 18.52 -8.50 -27.80
CA SER D 225 19.40 -8.50 -28.96
C SER D 225 18.72 -8.93 -30.25
N ASN D 226 17.55 -9.56 -30.17
CA ASN D 226 16.91 -10.20 -31.30
C ASN D 226 17.84 -11.28 -31.89
N THR D 227 18.15 -12.27 -31.04
CA THR D 227 19.03 -13.36 -31.44
C THR D 227 18.66 -14.60 -30.64
N LYS D 228 18.16 -15.62 -31.34
CA LYS D 228 17.92 -16.94 -30.77
C LYS D 228 18.95 -17.89 -31.39
N VAL D 229 19.72 -18.57 -30.55
CA VAL D 229 20.76 -19.49 -31.00
C VAL D 229 20.54 -20.80 -30.26
N ASP D 230 20.20 -21.85 -31.00
CA ASP D 230 20.00 -23.17 -30.43
C ASP D 230 21.20 -24.04 -30.84
N LYS D 231 22.23 -24.03 -30.00
CA LYS D 231 23.39 -24.87 -30.23
C LYS D 231 23.13 -26.26 -29.66
N LYS D 232 24.04 -27.17 -29.97
CA LYS D 232 23.96 -28.56 -29.51
C LYS D 232 25.31 -28.98 -28.94
N VAL D 233 25.28 -30.03 -28.13
CA VAL D 233 26.46 -30.54 -27.45
C VAL D 233 26.74 -31.98 -27.89
N GLU D 234 27.94 -32.44 -27.61
CA GLU D 234 28.35 -33.83 -27.89
C GLU D 234 29.72 -34.12 -27.29
#